data_3EXC
# 
_entry.id   3EXC 
# 
_audit_conform.dict_name       mmcif_pdbx.dic 
_audit_conform.dict_version    5.399 
_audit_conform.dict_location   http://mmcif.pdb.org/dictionaries/ascii/mmcif_pdbx.dic 
# 
loop_
_database_2.database_id 
_database_2.database_code 
_database_2.pdbx_database_accession 
_database_2.pdbx_DOI 
PDB   3EXC         pdb_00003exc 10.2210/pdb3exc/pdb 
RCSB  RCSB049884   ?            ?                   
WWPDB D_1000049884 ?            ?                   
# 
loop_
_pdbx_audit_revision_history.ordinal 
_pdbx_audit_revision_history.data_content_type 
_pdbx_audit_revision_history.major_revision 
_pdbx_audit_revision_history.minor_revision 
_pdbx_audit_revision_history.revision_date 
1 'Structure model' 1 0 2008-11-11 
2 'Structure model' 1 1 2011-07-13 
3 'Structure model' 1 2 2017-10-25 
4 'Structure model' 1 3 2021-10-20 
5 'Structure model' 1 4 2023-12-27 
6 'Structure model' 1 5 2024-11-20 
# 
_pdbx_audit_revision_details.ordinal             1 
_pdbx_audit_revision_details.revision_ordinal    1 
_pdbx_audit_revision_details.data_content_type   'Structure model' 
_pdbx_audit_revision_details.provider            repository 
_pdbx_audit_revision_details.type                'Initial release' 
_pdbx_audit_revision_details.description         ? 
_pdbx_audit_revision_details.details             ? 
# 
loop_
_pdbx_audit_revision_group.ordinal 
_pdbx_audit_revision_group.revision_ordinal 
_pdbx_audit_revision_group.data_content_type 
_pdbx_audit_revision_group.group 
1 2 'Structure model' Advisory                    
2 2 'Structure model' 'Version format compliance' 
3 3 'Structure model' 'Refinement description'    
4 4 'Structure model' 'Database references'       
5 4 'Structure model' 'Derived calculations'      
6 5 'Structure model' 'Data collection'           
7 6 'Structure model' 'Structure summary'         
# 
loop_
_pdbx_audit_revision_category.ordinal 
_pdbx_audit_revision_category.revision_ordinal 
_pdbx_audit_revision_category.data_content_type 
_pdbx_audit_revision_category.category 
1 3 'Structure model' software                  
2 4 'Structure model' database_2                
3 4 'Structure model' struct_conn               
4 4 'Structure model' struct_ref_seq_dif        
5 4 'Structure model' struct_site               
6 5 'Structure model' chem_comp_atom            
7 5 'Structure model' chem_comp_bond            
8 6 'Structure model' pdbx_entry_details        
9 6 'Structure model' pdbx_modification_feature 
# 
loop_
_pdbx_audit_revision_item.ordinal 
_pdbx_audit_revision_item.revision_ordinal 
_pdbx_audit_revision_item.data_content_type 
_pdbx_audit_revision_item.item 
1  3 'Structure model' '_software.classification'            
2  3 'Structure model' '_software.name'                      
3  3 'Structure model' '_software.version'                   
4  4 'Structure model' '_database_2.pdbx_DOI'                
5  4 'Structure model' '_database_2.pdbx_database_accession' 
6  4 'Structure model' '_struct_conn.pdbx_leaving_atom_flag' 
7  4 'Structure model' '_struct_ref_seq_dif.details'         
8  4 'Structure model' '_struct_site.pdbx_auth_asym_id'      
9  4 'Structure model' '_struct_site.pdbx_auth_comp_id'      
10 4 'Structure model' '_struct_site.pdbx_auth_seq_id'       
# 
_pdbx_database_status.status_code                     REL 
_pdbx_database_status.entry_id                        3EXC 
_pdbx_database_status.recvd_initial_deposition_date   2008-10-16 
_pdbx_database_status.deposit_site                    RCSB 
_pdbx_database_status.process_site                    RCSB 
_pdbx_database_status.status_code_sf                  REL 
_pdbx_database_status.status_code_mr                  ? 
_pdbx_database_status.SG_entry                        Y 
_pdbx_database_status.pdb_format_compatible           Y 
_pdbx_database_status.status_code_cs                  ? 
_pdbx_database_status.methods_development_category    ? 
_pdbx_database_status.status_code_nmr_data            ? 
# 
_pdbx_database_related.db_name        TargetDB 
_pdbx_database_related.db_id          APC7957 
_pdbx_database_related.details        . 
_pdbx_database_related.content_type   unspecified 
# 
loop_
_audit_author.name 
_audit_author.pdbx_ordinal 
'Singer, A.U.'                                  1  
'Skarina, T.'                                   2  
'Tan, K.'                                       3  
'Kagan, O.'                                     4  
'Onopriyenko, O.'                               5  
'Edwards, A.M.'                                 6  
'Joachimiak, A.'                                7  
'Yakunin, A.F.'                                 8  
'Savchenko, A.'                                 9  
'Midwest Center for Structural Genomics (MCSG)' 10 
# 
_citation.id                        primary 
_citation.title                     
;Structure of the RNA'se SSO8090 from Sulfolobus solfataricus
;
_citation.journal_abbrev            'To be Published' 
_citation.journal_volume            ? 
_citation.page_first                ? 
_citation.page_last                 ? 
_citation.year                      ? 
_citation.journal_id_ASTM           ? 
_citation.country                   ? 
_citation.journal_id_ISSN           ? 
_citation.journal_id_CSD            0353 
_citation.book_publisher            ? 
_citation.pdbx_database_id_PubMed   ? 
_citation.pdbx_database_id_DOI      ? 
# 
loop_
_citation_author.citation_id 
_citation_author.name 
_citation_author.ordinal 
_citation_author.identifier_ORCID 
primary 'Proudfoot, M.'  1  ? 
primary 'Brown, M.'      2  ? 
primary 'Singer, A.U.'   3  ? 
primary 'Skarina, T.'    4  ? 
primary 'Tan, K.'        5  ? 
primary 'Kagan, O.'      6  ? 
primary 'Edwards, A.M.'  7  ? 
primary 'Joachimiak, A.' 8  ? 
primary 'Savchenko, A.'  9  ? 
primary 'Yakunin, A.F.'  10 ? 
# 
loop_
_entity.id 
_entity.type 
_entity.src_method 
_entity.pdbx_description 
_entity.formula_weight 
_entity.pdbx_number_of_molecules 
_entity.pdbx_ec 
_entity.pdbx_mutation 
_entity.pdbx_fragment 
_entity.details 
1 polymer     man 'Uncharacterized protein' 10764.053 1  3.1.26.- 'I39M, V44M' ? ? 
2 non-polymer syn 'CHLORIDE ION'            35.453    1  ?        ?            ? ? 
3 non-polymer syn 'SODIUM ION'              22.990    1  ?        ?            ? ? 
4 water       nat water                     18.015    46 ?        ?            ? ? 
# 
_entity_poly.entity_id                      1 
_entity_poly.type                           'polypeptide(L)' 
_entity_poly.nstd_linkage                   no 
_entity_poly.nstd_monomer                   yes 
_entity_poly.pdbx_seq_one_letter_code       
;FQG(MSE)KLLVVYDVSDDSKRNKLANNLKKLGLERIQRSAFEGD(MSE)DSQR(MSE)KDLVRVVKLIVDTNTDIVHII
PLGIRDWERRIVIGREGLEEWLV
;
_entity_poly.pdbx_seq_one_letter_code_can   
;FQGMKLLVVYDVSDDSKRNKLANNLKKLGLERIQRSAFEGDMDSQRMKDLVRVVKLIVDTNTDIVHIIPLGIRDWERRIV
IGREGLEEWLV
;
_entity_poly.pdbx_strand_id                 X 
_entity_poly.pdbx_target_identifier         APC7957 
# 
loop_
_pdbx_entity_nonpoly.entity_id 
_pdbx_entity_nonpoly.name 
_pdbx_entity_nonpoly.comp_id 
2 'CHLORIDE ION' CL  
3 'SODIUM ION'   NA  
4 water          HOH 
# 
loop_
_entity_poly_seq.entity_id 
_entity_poly_seq.num 
_entity_poly_seq.mon_id 
_entity_poly_seq.hetero 
1 1  PHE n 
1 2  GLN n 
1 3  GLY n 
1 4  MSE n 
1 5  LYS n 
1 6  LEU n 
1 7  LEU n 
1 8  VAL n 
1 9  VAL n 
1 10 TYR n 
1 11 ASP n 
1 12 VAL n 
1 13 SER n 
1 14 ASP n 
1 15 ASP n 
1 16 SER n 
1 17 LYS n 
1 18 ARG n 
1 19 ASN n 
1 20 LYS n 
1 21 LEU n 
1 22 ALA n 
1 23 ASN n 
1 24 ASN n 
1 25 LEU n 
1 26 LYS n 
1 27 LYS n 
1 28 LEU n 
1 29 GLY n 
1 30 LEU n 
1 31 GLU n 
1 32 ARG n 
1 33 ILE n 
1 34 GLN n 
1 35 ARG n 
1 36 SER n 
1 37 ALA n 
1 38 PHE n 
1 39 GLU n 
1 40 GLY n 
1 41 ASP n 
1 42 MSE n 
1 43 ASP n 
1 44 SER n 
1 45 GLN n 
1 46 ARG n 
1 47 MSE n 
1 48 LYS n 
1 49 ASP n 
1 50 LEU n 
1 51 VAL n 
1 52 ARG n 
1 53 VAL n 
1 54 VAL n 
1 55 LYS n 
1 56 LEU n 
1 57 ILE n 
1 58 VAL n 
1 59 ASP n 
1 60 THR n 
1 61 ASN n 
1 62 THR n 
1 63 ASP n 
1 64 ILE n 
1 65 VAL n 
1 66 HIS n 
1 67 ILE n 
1 68 ILE n 
1 69 PRO n 
1 70 LEU n 
1 71 GLY n 
1 72 ILE n 
1 73 ARG n 
1 74 ASP n 
1 75 TRP n 
1 76 GLU n 
1 77 ARG n 
1 78 ARG n 
1 79 ILE n 
1 80 VAL n 
1 81 ILE n 
1 82 GLY n 
1 83 ARG n 
1 84 GLU n 
1 85 GLY n 
1 86 LEU n 
1 87 GLU n 
1 88 GLU n 
1 89 TRP n 
1 90 LEU n 
1 91 VAL n 
# 
_entity_src_gen.entity_id                          1 
_entity_src_gen.pdbx_src_id                        1 
_entity_src_gen.pdbx_alt_source_flag               sample 
_entity_src_gen.pdbx_seq_type                      ? 
_entity_src_gen.pdbx_beg_seq_num                   ? 
_entity_src_gen.pdbx_end_seq_num                   ? 
_entity_src_gen.gene_src_common_name               ? 
_entity_src_gen.gene_src_genus                     ? 
_entity_src_gen.pdbx_gene_src_gene                 SSO8090 
_entity_src_gen.gene_src_species                   ? 
_entity_src_gen.gene_src_strain                    P2 
_entity_src_gen.gene_src_tissue                    ? 
_entity_src_gen.gene_src_tissue_fraction           ? 
_entity_src_gen.gene_src_details                   ? 
_entity_src_gen.pdbx_gene_src_fragment             ? 
_entity_src_gen.pdbx_gene_src_scientific_name      'Sulfolobus solfataricus' 
_entity_src_gen.pdbx_gene_src_ncbi_taxonomy_id     2287 
_entity_src_gen.pdbx_gene_src_variant              ? 
_entity_src_gen.pdbx_gene_src_cell_line            ? 
_entity_src_gen.pdbx_gene_src_atcc                 ? 
_entity_src_gen.pdbx_gene_src_organ                ? 
_entity_src_gen.pdbx_gene_src_organelle            ? 
_entity_src_gen.pdbx_gene_src_cell                 ? 
_entity_src_gen.pdbx_gene_src_cellular_location    ? 
_entity_src_gen.host_org_common_name               ? 
_entity_src_gen.pdbx_host_org_scientific_name      'Escherichia coli' 
_entity_src_gen.pdbx_host_org_ncbi_taxonomy_id     562 
_entity_src_gen.host_org_genus                     ? 
_entity_src_gen.pdbx_host_org_gene                 ? 
_entity_src_gen.pdbx_host_org_organ                ? 
_entity_src_gen.host_org_species                   ? 
_entity_src_gen.pdbx_host_org_tissue               ? 
_entity_src_gen.pdbx_host_org_tissue_fraction      ? 
_entity_src_gen.pdbx_host_org_strain               'BL21-GOLD(DE3)' 
_entity_src_gen.pdbx_host_org_variant              ? 
_entity_src_gen.pdbx_host_org_cell_line            ? 
_entity_src_gen.pdbx_host_org_atcc                 ? 
_entity_src_gen.pdbx_host_org_culture_collection   ? 
_entity_src_gen.pdbx_host_org_cell                 ? 
_entity_src_gen.pdbx_host_org_organelle            ? 
_entity_src_gen.pdbx_host_org_cellular_location    ? 
_entity_src_gen.pdbx_host_org_vector_type          plasmid 
_entity_src_gen.pdbx_host_org_vector               ? 
_entity_src_gen.host_org_details                   ? 
_entity_src_gen.expression_system_id               ? 
_entity_src_gen.plasmid_name                       P15-TV-LIC 
_entity_src_gen.plasmid_details                    ? 
_entity_src_gen.pdbx_description                   ? 
# 
loop_
_chem_comp.id 
_chem_comp.type 
_chem_comp.mon_nstd_flag 
_chem_comp.name 
_chem_comp.pdbx_synonyms 
_chem_comp.formula 
_chem_comp.formula_weight 
ALA 'L-peptide linking' y ALANINE          ? 'C3 H7 N O2'     89.093  
ARG 'L-peptide linking' y ARGININE         ? 'C6 H15 N4 O2 1' 175.209 
ASN 'L-peptide linking' y ASPARAGINE       ? 'C4 H8 N2 O3'    132.118 
ASP 'L-peptide linking' y 'ASPARTIC ACID'  ? 'C4 H7 N O4'     133.103 
CL  non-polymer         . 'CHLORIDE ION'   ? 'Cl -1'          35.453  
GLN 'L-peptide linking' y GLUTAMINE        ? 'C5 H10 N2 O3'   146.144 
GLU 'L-peptide linking' y 'GLUTAMIC ACID'  ? 'C5 H9 N O4'     147.129 
GLY 'peptide linking'   y GLYCINE          ? 'C2 H5 N O2'     75.067  
HIS 'L-peptide linking' y HISTIDINE        ? 'C6 H10 N3 O2 1' 156.162 
HOH non-polymer         . WATER            ? 'H2 O'           18.015  
ILE 'L-peptide linking' y ISOLEUCINE       ? 'C6 H13 N O2'    131.173 
LEU 'L-peptide linking' y LEUCINE          ? 'C6 H13 N O2'    131.173 
LYS 'L-peptide linking' y LYSINE           ? 'C6 H15 N2 O2 1' 147.195 
MSE 'L-peptide linking' n SELENOMETHIONINE ? 'C5 H11 N O2 Se' 196.106 
NA  non-polymer         . 'SODIUM ION'     ? 'Na 1'           22.990  
PHE 'L-peptide linking' y PHENYLALANINE    ? 'C9 H11 N O2'    165.189 
PRO 'L-peptide linking' y PROLINE          ? 'C5 H9 N O2'     115.130 
SER 'L-peptide linking' y SERINE           ? 'C3 H7 N O3'     105.093 
THR 'L-peptide linking' y THREONINE        ? 'C4 H9 N O3'     119.119 
TRP 'L-peptide linking' y TRYPTOPHAN       ? 'C11 H12 N2 O2'  204.225 
TYR 'L-peptide linking' y TYROSINE         ? 'C9 H11 N O3'    181.189 
VAL 'L-peptide linking' y VALINE           ? 'C5 H11 N O2'    117.146 
# 
loop_
_pdbx_poly_seq_scheme.asym_id 
_pdbx_poly_seq_scheme.entity_id 
_pdbx_poly_seq_scheme.seq_id 
_pdbx_poly_seq_scheme.mon_id 
_pdbx_poly_seq_scheme.ndb_seq_num 
_pdbx_poly_seq_scheme.pdb_seq_num 
_pdbx_poly_seq_scheme.auth_seq_num 
_pdbx_poly_seq_scheme.pdb_mon_id 
_pdbx_poly_seq_scheme.auth_mon_id 
_pdbx_poly_seq_scheme.pdb_strand_id 
_pdbx_poly_seq_scheme.pdb_ins_code 
_pdbx_poly_seq_scheme.hetero 
A 1 1  PHE 1  -2 ?  ?   ?   X . n 
A 1 2  GLN 2  -1 ?  ?   ?   X . n 
A 1 3  GLY 3  0  ?  ?   ?   X . n 
A 1 4  MSE 4  1  1  MSE MSE X . n 
A 1 5  LYS 5  2  2  LYS LYS X . n 
A 1 6  LEU 6  3  3  LEU LEU X . n 
A 1 7  LEU 7  4  4  LEU LEU X . n 
A 1 8  VAL 8  5  5  VAL VAL X . n 
A 1 9  VAL 9  6  6  VAL VAL X . n 
A 1 10 TYR 10 7  7  TYR TYR X . n 
A 1 11 ASP 11 8  8  ASP ASP X . n 
A 1 12 VAL 12 9  9  VAL VAL X . n 
A 1 13 SER 13 10 10 SER SER X . n 
A 1 14 ASP 14 11 11 ASP ASP X . n 
A 1 15 ASP 15 12 12 ASP ASP X . n 
A 1 16 SER 16 13 13 SER SER X . n 
A 1 17 LYS 17 14 14 LYS LYS X . n 
A 1 18 ARG 18 15 15 ARG ARG X . n 
A 1 19 ASN 19 16 16 ASN ASN X . n 
A 1 20 LYS 20 17 17 LYS LYS X . n 
A 1 21 LEU 21 18 18 LEU LEU X . n 
A 1 22 ALA 22 19 19 ALA ALA X . n 
A 1 23 ASN 23 20 20 ASN ASN X . n 
A 1 24 ASN 24 21 21 ASN ASN X . n 
A 1 25 LEU 25 22 22 LEU LEU X . n 
A 1 26 LYS 26 23 23 LYS LYS X . n 
A 1 27 LYS 27 24 24 LYS LYS X . n 
A 1 28 LEU 28 25 25 LEU LEU X . n 
A 1 29 GLY 29 26 26 GLY GLY X . n 
A 1 30 LEU 30 27 27 LEU LEU X . n 
A 1 31 GLU 31 28 28 GLU GLU X . n 
A 1 32 ARG 32 29 29 ARG ARG X . n 
A 1 33 ILE 33 30 30 ILE ILE X . n 
A 1 34 GLN 34 31 31 GLN GLN X . n 
A 1 35 ARG 35 32 32 ARG ARG X . n 
A 1 36 SER 36 33 33 SER SER X . n 
A 1 37 ALA 37 34 34 ALA ALA X . n 
A 1 38 PHE 38 35 35 PHE PHE X . n 
A 1 39 GLU 39 36 36 GLU GLU X . n 
A 1 40 GLY 40 37 37 GLY GLY X . n 
A 1 41 ASP 41 38 38 ASP ASP X . n 
A 1 42 MSE 42 39 39 MSE MSE X . n 
A 1 43 ASP 43 40 40 ASP ASP X . n 
A 1 44 SER 44 41 ?  ?   ?   X . n 
A 1 45 GLN 45 42 ?  ?   ?   X . n 
A 1 46 ARG 46 43 43 ARG ARG X . n 
A 1 47 MSE 47 44 44 MSE MSE X . n 
A 1 48 LYS 48 45 45 LYS LYS X . n 
A 1 49 ASP 49 46 46 ASP ASP X . n 
A 1 50 LEU 50 47 47 LEU LEU X . n 
A 1 51 VAL 51 48 48 VAL VAL X . n 
A 1 52 ARG 52 49 49 ARG ARG X . n 
A 1 53 VAL 53 50 50 VAL VAL X . n 
A 1 54 VAL 54 51 51 VAL VAL X . n 
A 1 55 LYS 55 52 52 LYS LYS X . n 
A 1 56 LEU 56 53 53 LEU LEU X . n 
A 1 57 ILE 57 54 54 ILE ILE X . n 
A 1 58 VAL 58 55 55 VAL VAL X . n 
A 1 59 ASP 59 56 56 ASP ASP X . n 
A 1 60 THR 60 57 57 THR THR X . n 
A 1 61 ASN 61 58 58 ASN ASN X . n 
A 1 62 THR 62 59 59 THR THR X . n 
A 1 63 ASP 63 60 60 ASP ASP X . n 
A 1 64 ILE 64 61 61 ILE ILE X . n 
A 1 65 VAL 65 62 62 VAL VAL X . n 
A 1 66 HIS 66 63 63 HIS HIS X . n 
A 1 67 ILE 67 64 64 ILE ILE X . n 
A 1 68 ILE 68 65 65 ILE ILE X . n 
A 1 69 PRO 69 66 66 PRO PRO X . n 
A 1 70 LEU 70 67 67 LEU LEU X . n 
A 1 71 GLY 71 68 68 GLY GLY X . n 
A 1 72 ILE 72 69 69 ILE ILE X . n 
A 1 73 ARG 73 70 70 ARG ARG X . n 
A 1 74 ASP 74 71 71 ASP ASP X . n 
A 1 75 TRP 75 72 72 TRP TRP X . n 
A 1 76 GLU 76 73 73 GLU GLU X . n 
A 1 77 ARG 77 74 74 ARG ARG X . n 
A 1 78 ARG 78 75 75 ARG ARG X . n 
A 1 79 ILE 79 76 76 ILE ILE X . n 
A 1 80 VAL 80 77 77 VAL VAL X . n 
A 1 81 ILE 81 78 78 ILE ILE X . n 
A 1 82 GLY 82 79 79 GLY GLY X . n 
A 1 83 ARG 83 80 80 ARG ARG X . n 
A 1 84 GLU 84 81 ?  ?   ?   X . n 
A 1 85 GLY 85 82 ?  ?   ?   X . n 
A 1 86 LEU 86 83 ?  ?   ?   X . n 
A 1 87 GLU 87 84 ?  ?   ?   X . n 
A 1 88 GLU 88 85 ?  ?   ?   X . n 
A 1 89 TRP 89 86 ?  ?   ?   X . n 
A 1 90 LEU 90 87 ?  ?   ?   X . n 
A 1 91 VAL 91 88 ?  ?   ?   X . n 
# 
loop_
_pdbx_nonpoly_scheme.asym_id 
_pdbx_nonpoly_scheme.entity_id 
_pdbx_nonpoly_scheme.mon_id 
_pdbx_nonpoly_scheme.ndb_seq_num 
_pdbx_nonpoly_scheme.pdb_seq_num 
_pdbx_nonpoly_scheme.auth_seq_num 
_pdbx_nonpoly_scheme.pdb_mon_id 
_pdbx_nonpoly_scheme.auth_mon_id 
_pdbx_nonpoly_scheme.pdb_strand_id 
_pdbx_nonpoly_scheme.pdb_ins_code 
B 2 CL  1  89  1  CL  CL  X . 
C 3 NA  1  90  1  NA  NA  X . 
D 4 HOH 1  91  3  HOH HOH X . 
D 4 HOH 2  92  4  HOH HOH X . 
D 4 HOH 3  93  6  HOH HOH X . 
D 4 HOH 4  94  7  HOH HOH X . 
D 4 HOH 5  95  8  HOH HOH X . 
D 4 HOH 6  96  11 HOH HOH X . 
D 4 HOH 7  97  12 HOH HOH X . 
D 4 HOH 8  98  15 HOH HOH X . 
D 4 HOH 9  99  16 HOH HOH X . 
D 4 HOH 10 100 17 HOH HOH X . 
D 4 HOH 11 101 22 HOH HOH X . 
D 4 HOH 12 102 23 HOH HOH X . 
D 4 HOH 13 103 24 HOH HOH X . 
D 4 HOH 14 104 26 HOH HOH X . 
D 4 HOH 15 105 28 HOH HOH X . 
D 4 HOH 16 106 30 HOH HOH X . 
D 4 HOH 17 107 31 HOH HOH X . 
D 4 HOH 18 108 32 HOH HOH X . 
D 4 HOH 19 109 33 HOH HOH X . 
D 4 HOH 20 110 34 HOH HOH X . 
D 4 HOH 21 111 35 HOH HOH X . 
D 4 HOH 22 112 36 HOH HOH X . 
D 4 HOH 23 113 37 HOH HOH X . 
D 4 HOH 24 114 40 HOH HOH X . 
D 4 HOH 25 115 42 HOH HOH X . 
D 4 HOH 26 116 43 HOH HOH X . 
D 4 HOH 27 117 44 HOH HOH X . 
D 4 HOH 28 118 48 HOH HOH X . 
D 4 HOH 29 119 2  HOH HOH X . 
D 4 HOH 30 120 5  HOH HOH X . 
D 4 HOH 31 121 8  HOH HOH X . 
D 4 HOH 32 122 11 HOH HOH X . 
D 4 HOH 33 123 14 HOH HOH X . 
D 4 HOH 34 124 15 HOH HOH X . 
D 4 HOH 35 125 17 HOH HOH X . 
D 4 HOH 36 126 18 HOH HOH X . 
D 4 HOH 37 127 1  HOH HOH X . 
D 4 HOH 38 128 2  HOH HOH X . 
D 4 HOH 39 129 6  HOH HOH X . 
D 4 HOH 40 130 7  HOH HOH X . 
D 4 HOH 41 131 10 HOH HOH X . 
D 4 HOH 42 132 11 HOH HOH X . 
D 4 HOH 43 133 12 HOH HOH X . 
D 4 HOH 44 134 13 HOH HOH X . 
D 4 HOH 45 135 1  HOH HOH X . 
D 4 HOH 46 136 1  HOH HOH X . 
# 
loop_
_software.name 
_software.classification 
_software.version 
_software.citation_id 
_software.pdbx_ordinal 
HKL-3000 'data collection' .        ? 1 
SHELXCD  phasing           .        ? 2 
SHELXE   'model building'  .        ? 3 
REFMAC   refinement        5.2.0019 ? 4 
HKL-3000 'data reduction'  .        ? 5 
HKL-3000 'data scaling'    .        ? 6 
# 
_cell.entry_id           3EXC 
_cell.length_a           93.479 
_cell.length_b           93.479 
_cell.length_c           48.596 
_cell.angle_alpha        90.00 
_cell.angle_beta         90.00 
_cell.angle_gamma        120.00 
_cell.Z_PDB              12 
_cell.pdbx_unique_axis   ? 
_cell.length_a_esd       ? 
_cell.length_b_esd       ? 
_cell.length_c_esd       ? 
_cell.angle_alpha_esd    ? 
_cell.angle_beta_esd     ? 
_cell.angle_gamma_esd    ? 
# 
_symmetry.entry_id                         3EXC 
_symmetry.space_group_name_H-M             'P 63 2 2' 
_symmetry.pdbx_full_space_group_name_H-M   ? 
_symmetry.cell_setting                     ? 
_symmetry.Int_Tables_number                182 
_symmetry.space_group_name_Hall            ? 
# 
_exptl.entry_id          3EXC 
_exptl.method            'X-RAY DIFFRACTION' 
_exptl.crystals_number   1 
# 
_exptl_crystal.id                    1 
_exptl_crystal.density_meas          ? 
_exptl_crystal.density_Matthews      2.85 
_exptl_crystal.density_percent_sol   56.80 
_exptl_crystal.description           ? 
_exptl_crystal.F_000                 ? 
_exptl_crystal.preparation           ? 
# 
_exptl_crystal_grow.crystal_id      1 
_exptl_crystal_grow.method          ? 
_exptl_crystal_grow.temp            295 
_exptl_crystal_grow.temp_details    ? 
_exptl_crystal_grow.pH              7.5 
_exptl_crystal_grow.pdbx_pH_range   ? 
_exptl_crystal_grow.pdbx_details    
;2 M ammonium sulfate, 0.1 M Hepes 7.5, 1% PEG550 MME plus 0.015 mg/ml chymotrypsin.  Cryoprotected in 20% ethylene glycol, VAPOR DIFFUSION, SITTING DROP, temperature 295K
;
# 
_diffrn.id                     1 
_diffrn.ambient_temp           100 
_diffrn.ambient_temp_details   ? 
_diffrn.crystal_id             1 
# 
_diffrn_detector.diffrn_id              1 
_diffrn_detector.detector               CCD 
_diffrn_detector.type                   'ADSC QUANTUM 315' 
_diffrn_detector.pdbx_collection_date   2008-04-20 
_diffrn_detector.details                MIRRORS 
# 
_diffrn_radiation.diffrn_id                        1 
_diffrn_radiation.wavelength_id                    1 
_diffrn_radiation.pdbx_monochromatic_or_laue_m_l   M 
_diffrn_radiation.monochromator                    'DOUBLE CRYSTAL' 
_diffrn_radiation.pdbx_diffrn_protocol             'SINGLE WAVELENGTH' 
_diffrn_radiation.pdbx_scattering_type             x-ray 
# 
_diffrn_radiation_wavelength.id           1 
_diffrn_radiation_wavelength.wavelength   0.97915 
_diffrn_radiation_wavelength.wt           1.0 
# 
_diffrn_source.diffrn_id                   1 
_diffrn_source.source                      SYNCHROTRON 
_diffrn_source.type                        'APS BEAMLINE 19-ID' 
_diffrn_source.pdbx_synchrotron_site       APS 
_diffrn_source.pdbx_synchrotron_beamline   19-ID 
_diffrn_source.pdbx_wavelength             0.97915 
_diffrn_source.pdbx_wavelength_list        ? 
# 
_reflns.entry_id                     3EXC 
_reflns.observed_criterion_sigma_I   0.000 
_reflns.observed_criterion_sigma_F   ? 
_reflns.d_resolution_low             100.000 
_reflns.d_resolution_high            2.000 
_reflns.number_obs                   8834 
_reflns.number_all                   ? 
_reflns.percent_possible_obs         99.2 
_reflns.pdbx_Rmerge_I_obs            0.08000 
_reflns.pdbx_Rsym_value              ? 
_reflns.pdbx_netI_over_sigmaI        50.00 
_reflns.B_iso_Wilson_estimate        33.90 
_reflns.pdbx_redundancy              15.800 
_reflns.R_free_details               ? 
_reflns.limit_h_max                  ? 
_reflns.limit_h_min                  ? 
_reflns.limit_k_max                  ? 
_reflns.limit_k_min                  ? 
_reflns.limit_l_max                  ? 
_reflns.limit_l_min                  ? 
_reflns.observed_criterion_F_max     ? 
_reflns.observed_criterion_F_min     ? 
_reflns.pdbx_chi_squared             ? 
_reflns.pdbx_scaling_rejects         ? 
_reflns.pdbx_ordinal                 1 
_reflns.pdbx_diffrn_id               1 
# 
_reflns_shell.d_res_high             2.00 
_reflns_shell.d_res_low              2.03 
_reflns_shell.percent_possible_all   88.7 
_reflns_shell.Rmerge_I_obs           0.75700 
_reflns_shell.pdbx_Rsym_value        ? 
_reflns_shell.meanI_over_sigI_obs    2.330 
_reflns_shell.pdbx_redundancy        9.80 
_reflns_shell.percent_possible_obs   ? 
_reflns_shell.number_unique_all      ? 
_reflns_shell.number_measured_all    ? 
_reflns_shell.number_measured_obs    ? 
_reflns_shell.number_unique_obs      ? 
_reflns_shell.pdbx_chi_squared       ? 
_reflns_shell.pdbx_ordinal           1 
_reflns_shell.pdbx_diffrn_id         1 
# 
_refine.entry_id                                 3EXC 
_refine.ls_number_reflns_obs                     6296 
_refine.ls_number_reflns_all                     ? 
_refine.pdbx_ls_sigma_I                          ? 
_refine.pdbx_ls_sigma_F                          0.000 
_refine.pdbx_data_cutoff_high_absF               ? 
_refine.pdbx_data_cutoff_low_absF                ? 
_refine.pdbx_data_cutoff_high_rms_absF           ? 
_refine.ls_d_res_low                             41.67 
_refine.ls_d_res_high                            2.25 
_refine.ls_percent_reflns_obs                    99.8 
_refine.ls_R_factor_obs                          0.193 
_refine.ls_R_factor_all                          ? 
_refine.ls_R_factor_R_work                       0.191 
_refine.ls_R_factor_R_free                       0.221 
_refine.ls_R_factor_R_free_error                 ? 
_refine.ls_R_factor_R_free_error_details         ? 
_refine.ls_percent_reflns_R_free                 4.600 
_refine.ls_number_reflns_R_free                  291 
_refine.ls_number_parameters                     ? 
_refine.ls_number_restraints                     ? 
_refine.occupancy_min                            ? 
_refine.occupancy_max                            ? 
_refine.correlation_coeff_Fo_to_Fc               0.956 
_refine.correlation_coeff_Fo_to_Fc_free          0.941 
_refine.B_iso_mean                               41.05 
_refine.aniso_B[1][1]                            -0.01000 
_refine.aniso_B[2][2]                            -0.01000 
_refine.aniso_B[3][3]                            0.01000 
_refine.aniso_B[1][2]                            0.00000 
_refine.aniso_B[1][3]                            0.00000 
_refine.aniso_B[2][3]                            0.00000 
_refine.solvent_model_details                    MASK 
_refine.solvent_model_param_ksol                 ? 
_refine.solvent_model_param_bsol                 ? 
_refine.pdbx_solvent_vdw_probe_radii             1.20 
_refine.pdbx_solvent_ion_probe_radii             0.80 
_refine.pdbx_solvent_shrinkage_radii             0.80 
_refine.pdbx_ls_cross_valid_method               THROUGHOUT 
_refine.details                                  'HYDROGENS HAVE BEEN ADDED IN THE RIDING POSITIONS' 
_refine.pdbx_starting_model                      ? 
_refine.pdbx_method_to_determine_struct          SAD 
_refine.pdbx_isotropic_thermal_model             ? 
_refine.pdbx_stereochemistry_target_values       'MAXIMUM LIKELIHOOD' 
_refine.pdbx_stereochem_target_val_spec_case     ? 
_refine.pdbx_R_Free_selection_details            RANDOM 
_refine.pdbx_overall_ESU_R                       0.201 
_refine.pdbx_overall_ESU_R_Free                  0.171 
_refine.overall_SU_ML                            0.127 
_refine.pdbx_overall_phase_error                 ? 
_refine.overall_SU_B                             10.668 
_refine.pdbx_refine_id                           'X-RAY DIFFRACTION' 
_refine.ls_redundancy_reflns_obs                 ? 
_refine.B_iso_min                                ? 
_refine.B_iso_max                                ? 
_refine.overall_SU_R_Cruickshank_DPI             ? 
_refine.overall_SU_R_free                        ? 
_refine.ls_wR_factor_R_free                      ? 
_refine.ls_wR_factor_R_work                      ? 
_refine.overall_FOM_free_R_set                   ? 
_refine.overall_FOM_work_R_set                   ? 
_refine.pdbx_TLS_residual_ADP_flag               'LIKELY RESIDUAL' 
_refine.pdbx_diffrn_id                           1 
_refine.pdbx_overall_SU_R_free_Cruickshank_DPI   ? 
_refine.pdbx_overall_SU_R_Blow_DPI               ? 
_refine.pdbx_overall_SU_R_free_Blow_DPI          ? 
# 
_refine_hist.pdbx_refine_id                   'X-RAY DIFFRACTION' 
_refine_hist.cycle_id                         LAST 
_refine_hist.pdbx_number_atoms_protein        637 
_refine_hist.pdbx_number_atoms_nucleic_acid   0 
_refine_hist.pdbx_number_atoms_ligand         2 
_refine_hist.number_atoms_solvent             46 
_refine_hist.number_atoms_total               685 
_refine_hist.d_res_high                       2.25 
_refine_hist.d_res_low                        41.67 
# 
loop_
_refine_ls_restr.type 
_refine_ls_restr.dev_ideal 
_refine_ls_restr.dev_ideal_target 
_refine_ls_restr.weight 
_refine_ls_restr.number 
_refine_ls_restr.pdbx_refine_id 
_refine_ls_restr.pdbx_restraint_function 
r_bond_refined_d             0.027  0.022  ? 641 'X-RAY DIFFRACTION' ? 
r_bond_other_d               ?      ?      ? ?   'X-RAY DIFFRACTION' ? 
r_angle_refined_deg          2.299  1.984  ? 857 'X-RAY DIFFRACTION' ? 
r_angle_other_deg            ?      ?      ? ?   'X-RAY DIFFRACTION' ? 
r_dihedral_angle_1_deg       7.503  5.000  ? 76  'X-RAY DIFFRACTION' ? 
r_dihedral_angle_2_deg       25.177 22.667 ? 30  'X-RAY DIFFRACTION' ? 
r_dihedral_angle_3_deg       21.018 15.000 ? 137 'X-RAY DIFFRACTION' ? 
r_dihedral_angle_4_deg       23.679 15.000 ? 9   'X-RAY DIFFRACTION' ? 
r_chiral_restr               0.143  0.200  ? 102 'X-RAY DIFFRACTION' ? 
r_gen_planes_refined         0.009  0.020  ? 452 'X-RAY DIFFRACTION' ? 
r_gen_planes_other           ?      ?      ? ?   'X-RAY DIFFRACTION' ? 
r_nbd_refined                0.273  0.200  ? 274 'X-RAY DIFFRACTION' ? 
r_nbd_other                  ?      ?      ? ?   'X-RAY DIFFRACTION' ? 
r_nbtor_refined              0.331  0.200  ? 433 'X-RAY DIFFRACTION' ? 
r_nbtor_other                ?      ?      ? ?   'X-RAY DIFFRACTION' ? 
r_xyhbond_nbd_refined        0.180  0.200  ? 26  'X-RAY DIFFRACTION' ? 
r_xyhbond_nbd_other          ?      ?      ? ?   'X-RAY DIFFRACTION' ? 
r_metal_ion_refined          ?      ?      ? ?   'X-RAY DIFFRACTION' ? 
r_metal_ion_other            ?      ?      ? ?   'X-RAY DIFFRACTION' ? 
r_symmetry_vdw_refined       0.200  0.200  ? 34  'X-RAY DIFFRACTION' ? 
r_symmetry_vdw_other         ?      ?      ? ?   'X-RAY DIFFRACTION' ? 
r_symmetry_hbond_refined     0.231  0.200  ? 10  'X-RAY DIFFRACTION' ? 
r_symmetry_hbond_other       ?      ?      ? ?   'X-RAY DIFFRACTION' ? 
r_symmetry_metal_ion_refined ?      ?      ? ?   'X-RAY DIFFRACTION' ? 
r_symmetry_metal_ion_other   ?      ?      ? ?   'X-RAY DIFFRACTION' ? 
r_mcbond_it                  1.514  1.500  ? 385 'X-RAY DIFFRACTION' ? 
r_mcbond_other               ?      ?      ? ?   'X-RAY DIFFRACTION' ? 
r_mcangle_it                 2.924  2.000  ? 626 'X-RAY DIFFRACTION' ? 
r_scbond_it                  4.561  3.000  ? 262 'X-RAY DIFFRACTION' ? 
r_scangle_it                 7.340  4.500  ? 231 'X-RAY DIFFRACTION' ? 
r_rigid_bond_restr           ?      ?      ? ?   'X-RAY DIFFRACTION' ? 
r_sphericity_free            ?      ?      ? ?   'X-RAY DIFFRACTION' ? 
r_sphericity_bonded          ?      ?      ? ?   'X-RAY DIFFRACTION' ? 
# 
_refine_ls_shell.pdbx_total_number_of_bins_used   20 
_refine_ls_shell.d_res_high                       2.25 
_refine_ls_shell.d_res_low                        2.31 
_refine_ls_shell.number_reflns_R_work             412 
_refine_ls_shell.R_factor_R_work                  0.2280 
_refine_ls_shell.percent_reflns_obs               98.86 
_refine_ls_shell.R_factor_R_free                  0.2680 
_refine_ls_shell.R_factor_R_free_error            ? 
_refine_ls_shell.percent_reflns_R_free            ? 
_refine_ls_shell.number_reflns_R_free             22 
_refine_ls_shell.number_reflns_all                ? 
_refine_ls_shell.R_factor_all                     ? 
_refine_ls_shell.pdbx_refine_id                   'X-RAY DIFFRACTION' 
_refine_ls_shell.redundancy_reflns_obs            ? 
_refine_ls_shell.number_reflns_obs                ? 
# 
_struct.entry_id                  3EXC 
_struct.title                     
;Structure of the RNA'se SSO8090 from Sulfolobus solfataricus
;
_struct.pdbx_model_details        ? 
_struct.pdbx_CASP_flag            ? 
_struct.pdbx_model_type_details   ? 
# 
_struct_keywords.entry_id        3EXC 
_struct_keywords.pdbx_keywords   HYDROLASE 
_struct_keywords.text            
;ferredoxin fold; double split beta-alpha-beta fold, dimer, catalytic aspartate, RNA'ase, HYDROLASE, Protein Structure Initiative, Midwest Center for Structural Genomics, MCSG, PSI-2
;
# 
loop_
_struct_asym.id 
_struct_asym.pdbx_blank_PDB_chainid_flag 
_struct_asym.pdbx_modified 
_struct_asym.entity_id 
_struct_asym.details 
A N N 1 ? 
B N N 2 ? 
C N N 3 ? 
D N N 4 ? 
# 
_struct_ref.id                         1 
_struct_ref.db_name                    UNP 
_struct_ref.db_code                    Q97Y85_SULSO 
_struct_ref.pdbx_db_accession          Q97Y85 
_struct_ref.entity_id                  1 
_struct_ref.pdbx_seq_one_letter_code   
;MKLLVVYDVSDDSKRNKLANNLKKLGLERIQRSAFEGDIDSQRVKDLVRVVKLIVDTNTDIVHIIPLGIRDWERRIVIGR
EGLEEWLV
;
_struct_ref.pdbx_align_begin           1 
_struct_ref.pdbx_db_isoform            ? 
# 
_struct_ref_seq.align_id                      1 
_struct_ref_seq.ref_id                        1 
_struct_ref_seq.pdbx_PDB_id_code              3EXC 
_struct_ref_seq.pdbx_strand_id                X 
_struct_ref_seq.seq_align_beg                 4 
_struct_ref_seq.pdbx_seq_align_beg_ins_code   ? 
_struct_ref_seq.seq_align_end                 91 
_struct_ref_seq.pdbx_seq_align_end_ins_code   ? 
_struct_ref_seq.pdbx_db_accession             Q97Y85 
_struct_ref_seq.db_align_beg                  1 
_struct_ref_seq.pdbx_db_align_beg_ins_code    ? 
_struct_ref_seq.db_align_end                  88 
_struct_ref_seq.pdbx_db_align_end_ins_code    ? 
_struct_ref_seq.pdbx_auth_seq_align_beg       1 
_struct_ref_seq.pdbx_auth_seq_align_end       88 
# 
loop_
_struct_ref_seq_dif.align_id 
_struct_ref_seq_dif.pdbx_pdb_id_code 
_struct_ref_seq_dif.mon_id 
_struct_ref_seq_dif.pdbx_pdb_strand_id 
_struct_ref_seq_dif.seq_num 
_struct_ref_seq_dif.pdbx_pdb_ins_code 
_struct_ref_seq_dif.pdbx_seq_db_name 
_struct_ref_seq_dif.pdbx_seq_db_accession_code 
_struct_ref_seq_dif.db_mon_id 
_struct_ref_seq_dif.pdbx_seq_db_seq_num 
_struct_ref_seq_dif.details 
_struct_ref_seq_dif.pdbx_auth_seq_num 
_struct_ref_seq_dif.pdbx_ordinal 
1 3EXC PHE X 1  ? UNP Q97Y85 ?   ?  'expression tag'      -2 1 
1 3EXC GLN X 2  ? UNP Q97Y85 ?   ?  'expression tag'      -1 2 
1 3EXC GLY X 3  ? UNP Q97Y85 ?   ?  'expression tag'      0  3 
1 3EXC MSE X 42 ? UNP Q97Y85 ILE 39 'engineered mutation' 39 4 
1 3EXC MSE X 47 ? UNP Q97Y85 VAL 44 'engineered mutation' 44 5 
# 
_pdbx_struct_assembly.id                   1 
_pdbx_struct_assembly.details              author_and_software_defined_assembly 
_pdbx_struct_assembly.method_details       PISA 
_pdbx_struct_assembly.oligomeric_details   dimeric 
_pdbx_struct_assembly.oligomeric_count     2 
# 
loop_
_pdbx_struct_assembly_prop.biol_id 
_pdbx_struct_assembly_prop.type 
_pdbx_struct_assembly_prop.value 
_pdbx_struct_assembly_prop.details 
1 'ABSA (A^2)' 3760 ? 
1 MORE         -65  ? 
1 'SSA (A^2)'  8020 ? 
# 
_pdbx_struct_assembly_gen.assembly_id       1 
_pdbx_struct_assembly_gen.oper_expression   1,2 
_pdbx_struct_assembly_gen.asym_id_list      A,B,C,D 
# 
loop_
_pdbx_struct_oper_list.id 
_pdbx_struct_oper_list.type 
_pdbx_struct_oper_list.name 
_pdbx_struct_oper_list.symmetry_operation 
_pdbx_struct_oper_list.matrix[1][1] 
_pdbx_struct_oper_list.matrix[1][2] 
_pdbx_struct_oper_list.matrix[1][3] 
_pdbx_struct_oper_list.vector[1] 
_pdbx_struct_oper_list.matrix[2][1] 
_pdbx_struct_oper_list.matrix[2][2] 
_pdbx_struct_oper_list.matrix[2][3] 
_pdbx_struct_oper_list.vector[2] 
_pdbx_struct_oper_list.matrix[3][1] 
_pdbx_struct_oper_list.matrix[3][2] 
_pdbx_struct_oper_list.matrix[3][3] 
_pdbx_struct_oper_list.vector[3] 
1 'identity operation'         1_555 x,y,z    1.0000000000 0.0000000000 0.0000000000  0.0000000000  0.0000000000 1.0000000000  0.0000000000  0.0000000000  0.0000000000  0.0000000000  1.0000000000  0.0000000000  
2 'crystal symmetry operation' 7_556 y,x,-z+1 0.4072028360 0.7879242250 -0.4619104523 -8.6840676764 0.7879242250 -0.5588236689 -0.2586339551 12.2545556815 -0.4619104523 -0.2586339551 -0.8483791672 -5.5521224093 
# 
_struct_biol.id        1 
_struct_biol.details   ? 
# 
loop_
_struct_conf.conf_type_id 
_struct_conf.id 
_struct_conf.pdbx_PDB_helix_id 
_struct_conf.beg_label_comp_id 
_struct_conf.beg_label_asym_id 
_struct_conf.beg_label_seq_id 
_struct_conf.pdbx_beg_PDB_ins_code 
_struct_conf.end_label_comp_id 
_struct_conf.end_label_asym_id 
_struct_conf.end_label_seq_id 
_struct_conf.pdbx_end_PDB_ins_code 
_struct_conf.beg_auth_comp_id 
_struct_conf.beg_auth_asym_id 
_struct_conf.beg_auth_seq_id 
_struct_conf.end_auth_comp_id 
_struct_conf.end_auth_asym_id 
_struct_conf.end_auth_seq_id 
_struct_conf.pdbx_PDB_helix_class 
_struct_conf.details 
_struct_conf.pdbx_PDB_helix_length 
HELX_P HELX_P1 1 ASP A 14 ? LEU A 28 ? ASP X 11 LEU X 25 1 ? 15 
HELX_P HELX_P2 2 ARG A 46 ? VAL A 58 ? ARG X 43 VAL X 55 1 ? 13 
HELX_P HELX_P3 3 GLY A 71 ? ARG A 77 ? GLY X 68 ARG X 74 1 ? 7  
# 
_struct_conf_type.id          HELX_P 
_struct_conf_type.criteria    ? 
_struct_conf_type.reference   ? 
# 
loop_
_struct_conn.id 
_struct_conn.conn_type_id 
_struct_conn.pdbx_leaving_atom_flag 
_struct_conn.pdbx_PDB_id 
_struct_conn.ptnr1_label_asym_id 
_struct_conn.ptnr1_label_comp_id 
_struct_conn.ptnr1_label_seq_id 
_struct_conn.ptnr1_label_atom_id 
_struct_conn.pdbx_ptnr1_label_alt_id 
_struct_conn.pdbx_ptnr1_PDB_ins_code 
_struct_conn.pdbx_ptnr1_standard_comp_id 
_struct_conn.ptnr1_symmetry 
_struct_conn.ptnr2_label_asym_id 
_struct_conn.ptnr2_label_comp_id 
_struct_conn.ptnr2_label_seq_id 
_struct_conn.ptnr2_label_atom_id 
_struct_conn.pdbx_ptnr2_label_alt_id 
_struct_conn.pdbx_ptnr2_PDB_ins_code 
_struct_conn.ptnr1_auth_asym_id 
_struct_conn.ptnr1_auth_comp_id 
_struct_conn.ptnr1_auth_seq_id 
_struct_conn.ptnr2_auth_asym_id 
_struct_conn.ptnr2_auth_comp_id 
_struct_conn.ptnr2_auth_seq_id 
_struct_conn.ptnr2_symmetry 
_struct_conn.pdbx_ptnr3_label_atom_id 
_struct_conn.pdbx_ptnr3_label_seq_id 
_struct_conn.pdbx_ptnr3_label_comp_id 
_struct_conn.pdbx_ptnr3_label_asym_id 
_struct_conn.pdbx_ptnr3_label_alt_id 
_struct_conn.pdbx_ptnr3_PDB_ins_code 
_struct_conn.details 
_struct_conn.pdbx_dist_value 
_struct_conn.pdbx_value_order 
_struct_conn.pdbx_role 
covale1 covale both ? A MSE 4  C   ? ? ? 1_555 A LYS 5  N  ? ? X MSE 1  X LYS 2   1_555 ? ? ? ? ? ? ? 1.336 ? ? 
covale2 covale both ? A ASP 41 C   ? ? ? 1_555 A MSE 42 N  ? ? X ASP 38 X MSE 39  1_555 ? ? ? ? ? ? ? 1.330 ? ? 
covale3 covale both ? A MSE 42 C   ? ? ? 1_555 A ASP 43 N  ? ? X MSE 39 X ASP 40  1_555 ? ? ? ? ? ? ? 1.330 ? ? 
covale4 covale both ? A ARG 46 C   ? ? ? 1_555 A MSE 47 N  ? ? X ARG 43 X MSE 44  1_555 ? ? ? ? ? ? ? 1.331 ? ? 
covale5 covale both ? A MSE 47 C   ? ? ? 1_555 A LYS 48 N  ? ? X MSE 44 X LYS 45  1_555 ? ? ? ? ? ? ? 1.332 ? ? 
metalc1 metalc ?    ? A GLN 34 OE1 ? ? ? 1_555 C NA  .  NA ? ? X GLN 31 X NA  90  1_555 ? ? ? ? ? ? ? 2.607 ? ? 
metalc2 metalc ?    ? C NA  .  NA  ? ? ? 1_555 D HOH .  O  ? ? X NA  90 X HOH 135 1_555 ? ? ? ? ? ? ? 2.816 ? ? 
# 
loop_
_struct_conn_type.id 
_struct_conn_type.criteria 
_struct_conn_type.reference 
covale ? ? 
metalc ? ? 
# 
_pdbx_struct_conn_angle.id                    1 
_pdbx_struct_conn_angle.ptnr1_label_atom_id   OE1 
_pdbx_struct_conn_angle.ptnr1_label_alt_id    ? 
_pdbx_struct_conn_angle.ptnr1_label_asym_id   A 
_pdbx_struct_conn_angle.ptnr1_label_comp_id   GLN 
_pdbx_struct_conn_angle.ptnr1_label_seq_id    34 
_pdbx_struct_conn_angle.ptnr1_auth_atom_id    ? 
_pdbx_struct_conn_angle.ptnr1_auth_asym_id    X 
_pdbx_struct_conn_angle.ptnr1_auth_comp_id    GLN 
_pdbx_struct_conn_angle.ptnr1_auth_seq_id     31 
_pdbx_struct_conn_angle.ptnr1_PDB_ins_code    ? 
_pdbx_struct_conn_angle.ptnr1_symmetry        1_555 
_pdbx_struct_conn_angle.ptnr2_label_atom_id   NA 
_pdbx_struct_conn_angle.ptnr2_label_alt_id    ? 
_pdbx_struct_conn_angle.ptnr2_label_asym_id   C 
_pdbx_struct_conn_angle.ptnr2_label_comp_id   NA 
_pdbx_struct_conn_angle.ptnr2_label_seq_id    . 
_pdbx_struct_conn_angle.ptnr2_auth_atom_id    ? 
_pdbx_struct_conn_angle.ptnr2_auth_asym_id    X 
_pdbx_struct_conn_angle.ptnr2_auth_comp_id    NA 
_pdbx_struct_conn_angle.ptnr2_auth_seq_id     90 
_pdbx_struct_conn_angle.ptnr2_PDB_ins_code    ? 
_pdbx_struct_conn_angle.ptnr2_symmetry        1_555 
_pdbx_struct_conn_angle.ptnr3_label_atom_id   O 
_pdbx_struct_conn_angle.ptnr3_label_alt_id    ? 
_pdbx_struct_conn_angle.ptnr3_label_asym_id   D 
_pdbx_struct_conn_angle.ptnr3_label_comp_id   HOH 
_pdbx_struct_conn_angle.ptnr3_label_seq_id    . 
_pdbx_struct_conn_angle.ptnr3_auth_atom_id    ? 
_pdbx_struct_conn_angle.ptnr3_auth_asym_id    X 
_pdbx_struct_conn_angle.ptnr3_auth_comp_id    HOH 
_pdbx_struct_conn_angle.ptnr3_auth_seq_id     135 
_pdbx_struct_conn_angle.ptnr3_PDB_ins_code    ? 
_pdbx_struct_conn_angle.ptnr3_symmetry        1_555 
_pdbx_struct_conn_angle.value                 111.1 
_pdbx_struct_conn_angle.value_esd             ? 
# 
loop_
_pdbx_modification_feature.ordinal 
_pdbx_modification_feature.label_comp_id 
_pdbx_modification_feature.label_asym_id 
_pdbx_modification_feature.label_seq_id 
_pdbx_modification_feature.label_alt_id 
_pdbx_modification_feature.modified_residue_label_comp_id 
_pdbx_modification_feature.modified_residue_label_asym_id 
_pdbx_modification_feature.modified_residue_label_seq_id 
_pdbx_modification_feature.modified_residue_label_alt_id 
_pdbx_modification_feature.auth_comp_id 
_pdbx_modification_feature.auth_asym_id 
_pdbx_modification_feature.auth_seq_id 
_pdbx_modification_feature.PDB_ins_code 
_pdbx_modification_feature.symmetry 
_pdbx_modification_feature.modified_residue_auth_comp_id 
_pdbx_modification_feature.modified_residue_auth_asym_id 
_pdbx_modification_feature.modified_residue_auth_seq_id 
_pdbx_modification_feature.modified_residue_PDB_ins_code 
_pdbx_modification_feature.modified_residue_symmetry 
_pdbx_modification_feature.comp_id_linking_atom 
_pdbx_modification_feature.modified_residue_id_linking_atom 
_pdbx_modification_feature.modified_residue_id 
_pdbx_modification_feature.ref_pcm_id 
_pdbx_modification_feature.ref_comp_id 
_pdbx_modification_feature.type 
_pdbx_modification_feature.category 
1 MSE A 4  ? . . . . MSE X 1  ? 1_555 . . . . . . . MET 1 MSE Selenomethionine 'Named protein modification' 
2 MSE A 42 ? . . . . MSE X 39 ? 1_555 . . . . . . . MET 1 MSE Selenomethionine 'Named protein modification' 
3 MSE A 47 ? . . . . MSE X 44 ? 1_555 . . . . . . . MET 1 MSE Selenomethionine 'Named protein modification' 
# 
_struct_sheet.id               A 
_struct_sheet.type             ? 
_struct_sheet.number_strands   4 
_struct_sheet.details          ? 
# 
loop_
_struct_sheet_order.sheet_id 
_struct_sheet_order.range_id_1 
_struct_sheet_order.range_id_2 
_struct_sheet_order.offset 
_struct_sheet_order.sense 
A 1 2 ? anti-parallel 
A 2 3 ? anti-parallel 
A 3 4 ? anti-parallel 
# 
loop_
_struct_sheet_range.sheet_id 
_struct_sheet_range.id 
_struct_sheet_range.beg_label_comp_id 
_struct_sheet_range.beg_label_asym_id 
_struct_sheet_range.beg_label_seq_id 
_struct_sheet_range.pdbx_beg_PDB_ins_code 
_struct_sheet_range.end_label_comp_id 
_struct_sheet_range.end_label_asym_id 
_struct_sheet_range.end_label_seq_id 
_struct_sheet_range.pdbx_end_PDB_ins_code 
_struct_sheet_range.beg_auth_comp_id 
_struct_sheet_range.beg_auth_asym_id 
_struct_sheet_range.beg_auth_seq_id 
_struct_sheet_range.end_auth_comp_id 
_struct_sheet_range.end_auth_asym_id 
_struct_sheet_range.end_auth_seq_id 
A 1 GLU A 31 ? GLN A 34 ? GLU X 28 GLN X 31 
A 2 ALA A 37 ? ASP A 41 ? ALA X 34 ASP X 38 
A 3 LYS A 5  ? ASP A 11 ? LYS X 2  ASP X 8  
A 4 ILE A 64 ? LEU A 70 ? ILE X 61 LEU X 67 
# 
loop_
_pdbx_struct_sheet_hbond.sheet_id 
_pdbx_struct_sheet_hbond.range_id_1 
_pdbx_struct_sheet_hbond.range_id_2 
_pdbx_struct_sheet_hbond.range_1_label_atom_id 
_pdbx_struct_sheet_hbond.range_1_label_comp_id 
_pdbx_struct_sheet_hbond.range_1_label_asym_id 
_pdbx_struct_sheet_hbond.range_1_label_seq_id 
_pdbx_struct_sheet_hbond.range_1_PDB_ins_code 
_pdbx_struct_sheet_hbond.range_1_auth_atom_id 
_pdbx_struct_sheet_hbond.range_1_auth_comp_id 
_pdbx_struct_sheet_hbond.range_1_auth_asym_id 
_pdbx_struct_sheet_hbond.range_1_auth_seq_id 
_pdbx_struct_sheet_hbond.range_2_label_atom_id 
_pdbx_struct_sheet_hbond.range_2_label_comp_id 
_pdbx_struct_sheet_hbond.range_2_label_asym_id 
_pdbx_struct_sheet_hbond.range_2_label_seq_id 
_pdbx_struct_sheet_hbond.range_2_PDB_ins_code 
_pdbx_struct_sheet_hbond.range_2_auth_atom_id 
_pdbx_struct_sheet_hbond.range_2_auth_comp_id 
_pdbx_struct_sheet_hbond.range_2_auth_asym_id 
_pdbx_struct_sheet_hbond.range_2_auth_seq_id 
A 1 2 N GLU A 31 ? N GLU X 28 O GLU A 39 ? O GLU X 36 
A 2 3 O PHE A 38 ? O PHE X 35 N VAL A 8  ? N VAL X 5  
A 3 4 N LEU A 7  ? N LEU X 4  O ILE A 68 ? O ILE X 65 
# 
loop_
_struct_site.id 
_struct_site.pdbx_evidence_code 
_struct_site.pdbx_auth_asym_id 
_struct_site.pdbx_auth_comp_id 
_struct_site.pdbx_auth_seq_id 
_struct_site.pdbx_auth_ins_code 
_struct_site.pdbx_num_residues 
_struct_site.details 
AC1 Software X CL 89 ? 3 'BINDING SITE FOR RESIDUE CL X 89' 
AC2 Software X NA 90 ? 5 'BINDING SITE FOR RESIDUE NA X 90' 
# 
loop_
_struct_site_gen.id 
_struct_site_gen.site_id 
_struct_site_gen.pdbx_num_res 
_struct_site_gen.label_comp_id 
_struct_site_gen.label_asym_id 
_struct_site_gen.label_seq_id 
_struct_site_gen.pdbx_auth_ins_code 
_struct_site_gen.auth_comp_id 
_struct_site_gen.auth_asym_id 
_struct_site_gen.auth_seq_id 
_struct_site_gen.label_atom_id 
_struct_site_gen.label_alt_id 
_struct_site_gen.symmetry 
_struct_site_gen.details 
1 AC1 3 HIS A 66 ? HIS X 63  . ? 1_555 ? 
2 AC1 3 ARG A 78 ? ARG X 75  . ? 7_556 ? 
3 AC1 3 HOH D .  ? HOH X 127 . ? 4_664 ? 
4 AC2 5 TYR A 10 ? TYR X 7   . ? 7_556 ? 
5 AC2 5 GLN A 34 ? GLN X 31  . ? 1_555 ? 
6 AC2 5 SER A 36 ? SER X 33  . ? 1_555 ? 
7 AC2 5 HOH D .  ? HOH X 106 . ? 7_556 ? 
8 AC2 5 HOH D .  ? HOH X 135 . ? 7_556 ? 
# 
_pdbx_entry_details.entry_id                   3EXC 
_pdbx_entry_details.compound_details           ? 
_pdbx_entry_details.source_details             ? 
_pdbx_entry_details.nonpolymer_details         ? 
_pdbx_entry_details.sequence_details           ? 
_pdbx_entry_details.has_ligand_of_interest     ? 
_pdbx_entry_details.has_protein_modification   Y 
# 
_pdbx_validate_torsion.id              1 
_pdbx_validate_torsion.PDB_model_num   1 
_pdbx_validate_torsion.auth_comp_id    MSE 
_pdbx_validate_torsion.auth_asym_id    X 
_pdbx_validate_torsion.auth_seq_id     39 
_pdbx_validate_torsion.PDB_ins_code    ? 
_pdbx_validate_torsion.label_alt_id    ? 
_pdbx_validate_torsion.phi             -33.64 
_pdbx_validate_torsion.psi             119.64 
# 
_pdbx_SG_project.id                    1 
_pdbx_SG_project.project_name          'PSI, Protein Structure Initiative' 
_pdbx_SG_project.full_name_of_center   'Midwest Center for Structural Genomics' 
_pdbx_SG_project.initial_of_center     MCSG 
# 
loop_
_pdbx_struct_mod_residue.id 
_pdbx_struct_mod_residue.label_asym_id 
_pdbx_struct_mod_residue.label_comp_id 
_pdbx_struct_mod_residue.label_seq_id 
_pdbx_struct_mod_residue.auth_asym_id 
_pdbx_struct_mod_residue.auth_comp_id 
_pdbx_struct_mod_residue.auth_seq_id 
_pdbx_struct_mod_residue.PDB_ins_code 
_pdbx_struct_mod_residue.parent_comp_id 
_pdbx_struct_mod_residue.details 
1 A MSE 4  X MSE 1  ? MET SELENOMETHIONINE 
2 A MSE 42 X MSE 39 ? MET SELENOMETHIONINE 
3 A MSE 47 X MSE 44 ? MET SELENOMETHIONINE 
# 
_pdbx_struct_special_symmetry.id              1 
_pdbx_struct_special_symmetry.PDB_model_num   1 
_pdbx_struct_special_symmetry.auth_asym_id    X 
_pdbx_struct_special_symmetry.auth_comp_id    HOH 
_pdbx_struct_special_symmetry.auth_seq_id     135 
_pdbx_struct_special_symmetry.PDB_ins_code    ? 
_pdbx_struct_special_symmetry.label_asym_id   D 
_pdbx_struct_special_symmetry.label_comp_id   HOH 
_pdbx_struct_special_symmetry.label_seq_id    . 
# 
_pdbx_refine_tls.id               1 
_pdbx_refine_tls.details          ? 
_pdbx_refine_tls.method           refined 
_pdbx_refine_tls.origin_x         -0.0847 
_pdbx_refine_tls.origin_y         0.0110 
_pdbx_refine_tls.origin_z         -0.2062 
_pdbx_refine_tls.T[1][1]          -0.0475 
_pdbx_refine_tls.T[2][2]          -0.0219 
_pdbx_refine_tls.T[3][3]          0.0083 
_pdbx_refine_tls.T[1][2]          0.1113 
_pdbx_refine_tls.T[1][3]          -0.0159 
_pdbx_refine_tls.T[2][3]          0.0024 
_pdbx_refine_tls.L[1][1]          6.3095 
_pdbx_refine_tls.L[2][2]          1.5256 
_pdbx_refine_tls.L[3][3]          7.3425 
_pdbx_refine_tls.L[1][2]          -0.2397 
_pdbx_refine_tls.L[1][3]          4.5972 
_pdbx_refine_tls.L[2][3]          0.9922 
_pdbx_refine_tls.S[1][1]          0.1527 
_pdbx_refine_tls.S[1][2]          0.0634 
_pdbx_refine_tls.S[1][3]          -0.2108 
_pdbx_refine_tls.S[2][1]          0.0759 
_pdbx_refine_tls.S[2][2]          0.0896 
_pdbx_refine_tls.S[2][3]          -0.2708 
_pdbx_refine_tls.S[3][1]          0.4534 
_pdbx_refine_tls.S[3][2]          0.6950 
_pdbx_refine_tls.S[3][3]          -0.2424 
_pdbx_refine_tls.pdbx_refine_id   'X-RAY DIFFRACTION' 
# 
_pdbx_refine_tls_group.id                  1 
_pdbx_refine_tls_group.refine_tls_id       1 
_pdbx_refine_tls_group.beg_auth_asym_id    X 
_pdbx_refine_tls_group.beg_auth_seq_id     0 
_pdbx_refine_tls_group.beg_label_asym_id   ? 
_pdbx_refine_tls_group.beg_label_seq_id    ? 
_pdbx_refine_tls_group.end_auth_asym_id    X 
_pdbx_refine_tls_group.end_auth_seq_id     80 
_pdbx_refine_tls_group.end_label_asym_id   ? 
_pdbx_refine_tls_group.end_label_seq_id    ? 
_pdbx_refine_tls_group.selection           ? 
_pdbx_refine_tls_group.pdbx_refine_id      'X-RAY DIFFRACTION' 
_pdbx_refine_tls_group.selection_details   ? 
# 
loop_
_pdbx_unobs_or_zero_occ_residues.id 
_pdbx_unobs_or_zero_occ_residues.PDB_model_num 
_pdbx_unobs_or_zero_occ_residues.polymer_flag 
_pdbx_unobs_or_zero_occ_residues.occupancy_flag 
_pdbx_unobs_or_zero_occ_residues.auth_asym_id 
_pdbx_unobs_or_zero_occ_residues.auth_comp_id 
_pdbx_unobs_or_zero_occ_residues.auth_seq_id 
_pdbx_unobs_or_zero_occ_residues.PDB_ins_code 
_pdbx_unobs_or_zero_occ_residues.label_asym_id 
_pdbx_unobs_or_zero_occ_residues.label_comp_id 
_pdbx_unobs_or_zero_occ_residues.label_seq_id 
1  1 Y 1 X PHE -2 ? A PHE 1  
2  1 Y 1 X GLN -1 ? A GLN 2  
3  1 Y 1 X GLY 0  ? A GLY 3  
4  1 Y 1 X SER 41 ? A SER 44 
5  1 Y 1 X GLN 42 ? A GLN 45 
6  1 Y 1 X GLU 81 ? A GLU 84 
7  1 Y 1 X GLY 82 ? A GLY 85 
8  1 Y 1 X LEU 83 ? A LEU 86 
9  1 Y 1 X GLU 84 ? A GLU 87 
10 1 Y 1 X GLU 85 ? A GLU 88 
11 1 Y 1 X TRP 86 ? A TRP 89 
12 1 Y 1 X LEU 87 ? A LEU 90 
13 1 Y 1 X VAL 88 ? A VAL 91 
# 
loop_
_chem_comp_atom.comp_id 
_chem_comp_atom.atom_id 
_chem_comp_atom.type_symbol 
_chem_comp_atom.pdbx_aromatic_flag 
_chem_comp_atom.pdbx_stereo_config 
_chem_comp_atom.pdbx_ordinal 
ALA N    N  N N 1   
ALA CA   C  N S 2   
ALA C    C  N N 3   
ALA O    O  N N 4   
ALA CB   C  N N 5   
ALA OXT  O  N N 6   
ALA H    H  N N 7   
ALA H2   H  N N 8   
ALA HA   H  N N 9   
ALA HB1  H  N N 10  
ALA HB2  H  N N 11  
ALA HB3  H  N N 12  
ALA HXT  H  N N 13  
ARG N    N  N N 14  
ARG CA   C  N S 15  
ARG C    C  N N 16  
ARG O    O  N N 17  
ARG CB   C  N N 18  
ARG CG   C  N N 19  
ARG CD   C  N N 20  
ARG NE   N  N N 21  
ARG CZ   C  N N 22  
ARG NH1  N  N N 23  
ARG NH2  N  N N 24  
ARG OXT  O  N N 25  
ARG H    H  N N 26  
ARG H2   H  N N 27  
ARG HA   H  N N 28  
ARG HB2  H  N N 29  
ARG HB3  H  N N 30  
ARG HG2  H  N N 31  
ARG HG3  H  N N 32  
ARG HD2  H  N N 33  
ARG HD3  H  N N 34  
ARG HE   H  N N 35  
ARG HH11 H  N N 36  
ARG HH12 H  N N 37  
ARG HH21 H  N N 38  
ARG HH22 H  N N 39  
ARG HXT  H  N N 40  
ASN N    N  N N 41  
ASN CA   C  N S 42  
ASN C    C  N N 43  
ASN O    O  N N 44  
ASN CB   C  N N 45  
ASN CG   C  N N 46  
ASN OD1  O  N N 47  
ASN ND2  N  N N 48  
ASN OXT  O  N N 49  
ASN H    H  N N 50  
ASN H2   H  N N 51  
ASN HA   H  N N 52  
ASN HB2  H  N N 53  
ASN HB3  H  N N 54  
ASN HD21 H  N N 55  
ASN HD22 H  N N 56  
ASN HXT  H  N N 57  
ASP N    N  N N 58  
ASP CA   C  N S 59  
ASP C    C  N N 60  
ASP O    O  N N 61  
ASP CB   C  N N 62  
ASP CG   C  N N 63  
ASP OD1  O  N N 64  
ASP OD2  O  N N 65  
ASP OXT  O  N N 66  
ASP H    H  N N 67  
ASP H2   H  N N 68  
ASP HA   H  N N 69  
ASP HB2  H  N N 70  
ASP HB3  H  N N 71  
ASP HD2  H  N N 72  
ASP HXT  H  N N 73  
CL  CL   CL N N 74  
GLN N    N  N N 75  
GLN CA   C  N S 76  
GLN C    C  N N 77  
GLN O    O  N N 78  
GLN CB   C  N N 79  
GLN CG   C  N N 80  
GLN CD   C  N N 81  
GLN OE1  O  N N 82  
GLN NE2  N  N N 83  
GLN OXT  O  N N 84  
GLN H    H  N N 85  
GLN H2   H  N N 86  
GLN HA   H  N N 87  
GLN HB2  H  N N 88  
GLN HB3  H  N N 89  
GLN HG2  H  N N 90  
GLN HG3  H  N N 91  
GLN HE21 H  N N 92  
GLN HE22 H  N N 93  
GLN HXT  H  N N 94  
GLU N    N  N N 95  
GLU CA   C  N S 96  
GLU C    C  N N 97  
GLU O    O  N N 98  
GLU CB   C  N N 99  
GLU CG   C  N N 100 
GLU CD   C  N N 101 
GLU OE1  O  N N 102 
GLU OE2  O  N N 103 
GLU OXT  O  N N 104 
GLU H    H  N N 105 
GLU H2   H  N N 106 
GLU HA   H  N N 107 
GLU HB2  H  N N 108 
GLU HB3  H  N N 109 
GLU HG2  H  N N 110 
GLU HG3  H  N N 111 
GLU HE2  H  N N 112 
GLU HXT  H  N N 113 
GLY N    N  N N 114 
GLY CA   C  N N 115 
GLY C    C  N N 116 
GLY O    O  N N 117 
GLY OXT  O  N N 118 
GLY H    H  N N 119 
GLY H2   H  N N 120 
GLY HA2  H  N N 121 
GLY HA3  H  N N 122 
GLY HXT  H  N N 123 
HIS N    N  N N 124 
HIS CA   C  N S 125 
HIS C    C  N N 126 
HIS O    O  N N 127 
HIS CB   C  N N 128 
HIS CG   C  Y N 129 
HIS ND1  N  Y N 130 
HIS CD2  C  Y N 131 
HIS CE1  C  Y N 132 
HIS NE2  N  Y N 133 
HIS OXT  O  N N 134 
HIS H    H  N N 135 
HIS H2   H  N N 136 
HIS HA   H  N N 137 
HIS HB2  H  N N 138 
HIS HB3  H  N N 139 
HIS HD1  H  N N 140 
HIS HD2  H  N N 141 
HIS HE1  H  N N 142 
HIS HE2  H  N N 143 
HIS HXT  H  N N 144 
HOH O    O  N N 145 
HOH H1   H  N N 146 
HOH H2   H  N N 147 
ILE N    N  N N 148 
ILE CA   C  N S 149 
ILE C    C  N N 150 
ILE O    O  N N 151 
ILE CB   C  N S 152 
ILE CG1  C  N N 153 
ILE CG2  C  N N 154 
ILE CD1  C  N N 155 
ILE OXT  O  N N 156 
ILE H    H  N N 157 
ILE H2   H  N N 158 
ILE HA   H  N N 159 
ILE HB   H  N N 160 
ILE HG12 H  N N 161 
ILE HG13 H  N N 162 
ILE HG21 H  N N 163 
ILE HG22 H  N N 164 
ILE HG23 H  N N 165 
ILE HD11 H  N N 166 
ILE HD12 H  N N 167 
ILE HD13 H  N N 168 
ILE HXT  H  N N 169 
LEU N    N  N N 170 
LEU CA   C  N S 171 
LEU C    C  N N 172 
LEU O    O  N N 173 
LEU CB   C  N N 174 
LEU CG   C  N N 175 
LEU CD1  C  N N 176 
LEU CD2  C  N N 177 
LEU OXT  O  N N 178 
LEU H    H  N N 179 
LEU H2   H  N N 180 
LEU HA   H  N N 181 
LEU HB2  H  N N 182 
LEU HB3  H  N N 183 
LEU HG   H  N N 184 
LEU HD11 H  N N 185 
LEU HD12 H  N N 186 
LEU HD13 H  N N 187 
LEU HD21 H  N N 188 
LEU HD22 H  N N 189 
LEU HD23 H  N N 190 
LEU HXT  H  N N 191 
LYS N    N  N N 192 
LYS CA   C  N S 193 
LYS C    C  N N 194 
LYS O    O  N N 195 
LYS CB   C  N N 196 
LYS CG   C  N N 197 
LYS CD   C  N N 198 
LYS CE   C  N N 199 
LYS NZ   N  N N 200 
LYS OXT  O  N N 201 
LYS H    H  N N 202 
LYS H2   H  N N 203 
LYS HA   H  N N 204 
LYS HB2  H  N N 205 
LYS HB3  H  N N 206 
LYS HG2  H  N N 207 
LYS HG3  H  N N 208 
LYS HD2  H  N N 209 
LYS HD3  H  N N 210 
LYS HE2  H  N N 211 
LYS HE3  H  N N 212 
LYS HZ1  H  N N 213 
LYS HZ2  H  N N 214 
LYS HZ3  H  N N 215 
LYS HXT  H  N N 216 
MSE N    N  N N 217 
MSE CA   C  N S 218 
MSE C    C  N N 219 
MSE O    O  N N 220 
MSE OXT  O  N N 221 
MSE CB   C  N N 222 
MSE CG   C  N N 223 
MSE SE   SE N N 224 
MSE CE   C  N N 225 
MSE H    H  N N 226 
MSE H2   H  N N 227 
MSE HA   H  N N 228 
MSE HXT  H  N N 229 
MSE HB2  H  N N 230 
MSE HB3  H  N N 231 
MSE HG2  H  N N 232 
MSE HG3  H  N N 233 
MSE HE1  H  N N 234 
MSE HE2  H  N N 235 
MSE HE3  H  N N 236 
NA  NA   NA N N 237 
PHE N    N  N N 238 
PHE CA   C  N S 239 
PHE C    C  N N 240 
PHE O    O  N N 241 
PHE CB   C  N N 242 
PHE CG   C  Y N 243 
PHE CD1  C  Y N 244 
PHE CD2  C  Y N 245 
PHE CE1  C  Y N 246 
PHE CE2  C  Y N 247 
PHE CZ   C  Y N 248 
PHE OXT  O  N N 249 
PHE H    H  N N 250 
PHE H2   H  N N 251 
PHE HA   H  N N 252 
PHE HB2  H  N N 253 
PHE HB3  H  N N 254 
PHE HD1  H  N N 255 
PHE HD2  H  N N 256 
PHE HE1  H  N N 257 
PHE HE2  H  N N 258 
PHE HZ   H  N N 259 
PHE HXT  H  N N 260 
PRO N    N  N N 261 
PRO CA   C  N S 262 
PRO C    C  N N 263 
PRO O    O  N N 264 
PRO CB   C  N N 265 
PRO CG   C  N N 266 
PRO CD   C  N N 267 
PRO OXT  O  N N 268 
PRO H    H  N N 269 
PRO HA   H  N N 270 
PRO HB2  H  N N 271 
PRO HB3  H  N N 272 
PRO HG2  H  N N 273 
PRO HG3  H  N N 274 
PRO HD2  H  N N 275 
PRO HD3  H  N N 276 
PRO HXT  H  N N 277 
SER N    N  N N 278 
SER CA   C  N S 279 
SER C    C  N N 280 
SER O    O  N N 281 
SER CB   C  N N 282 
SER OG   O  N N 283 
SER OXT  O  N N 284 
SER H    H  N N 285 
SER H2   H  N N 286 
SER HA   H  N N 287 
SER HB2  H  N N 288 
SER HB3  H  N N 289 
SER HG   H  N N 290 
SER HXT  H  N N 291 
THR N    N  N N 292 
THR CA   C  N S 293 
THR C    C  N N 294 
THR O    O  N N 295 
THR CB   C  N R 296 
THR OG1  O  N N 297 
THR CG2  C  N N 298 
THR OXT  O  N N 299 
THR H    H  N N 300 
THR H2   H  N N 301 
THR HA   H  N N 302 
THR HB   H  N N 303 
THR HG1  H  N N 304 
THR HG21 H  N N 305 
THR HG22 H  N N 306 
THR HG23 H  N N 307 
THR HXT  H  N N 308 
TRP N    N  N N 309 
TRP CA   C  N S 310 
TRP C    C  N N 311 
TRP O    O  N N 312 
TRP CB   C  N N 313 
TRP CG   C  Y N 314 
TRP CD1  C  Y N 315 
TRP CD2  C  Y N 316 
TRP NE1  N  Y N 317 
TRP CE2  C  Y N 318 
TRP CE3  C  Y N 319 
TRP CZ2  C  Y N 320 
TRP CZ3  C  Y N 321 
TRP CH2  C  Y N 322 
TRP OXT  O  N N 323 
TRP H    H  N N 324 
TRP H2   H  N N 325 
TRP HA   H  N N 326 
TRP HB2  H  N N 327 
TRP HB3  H  N N 328 
TRP HD1  H  N N 329 
TRP HE1  H  N N 330 
TRP HE3  H  N N 331 
TRP HZ2  H  N N 332 
TRP HZ3  H  N N 333 
TRP HH2  H  N N 334 
TRP HXT  H  N N 335 
TYR N    N  N N 336 
TYR CA   C  N S 337 
TYR C    C  N N 338 
TYR O    O  N N 339 
TYR CB   C  N N 340 
TYR CG   C  Y N 341 
TYR CD1  C  Y N 342 
TYR CD2  C  Y N 343 
TYR CE1  C  Y N 344 
TYR CE2  C  Y N 345 
TYR CZ   C  Y N 346 
TYR OH   O  N N 347 
TYR OXT  O  N N 348 
TYR H    H  N N 349 
TYR H2   H  N N 350 
TYR HA   H  N N 351 
TYR HB2  H  N N 352 
TYR HB3  H  N N 353 
TYR HD1  H  N N 354 
TYR HD2  H  N N 355 
TYR HE1  H  N N 356 
TYR HE2  H  N N 357 
TYR HH   H  N N 358 
TYR HXT  H  N N 359 
VAL N    N  N N 360 
VAL CA   C  N S 361 
VAL C    C  N N 362 
VAL O    O  N N 363 
VAL CB   C  N N 364 
VAL CG1  C  N N 365 
VAL CG2  C  N N 366 
VAL OXT  O  N N 367 
VAL H    H  N N 368 
VAL H2   H  N N 369 
VAL HA   H  N N 370 
VAL HB   H  N N 371 
VAL HG11 H  N N 372 
VAL HG12 H  N N 373 
VAL HG13 H  N N 374 
VAL HG21 H  N N 375 
VAL HG22 H  N N 376 
VAL HG23 H  N N 377 
VAL HXT  H  N N 378 
# 
loop_
_chem_comp_bond.comp_id 
_chem_comp_bond.atom_id_1 
_chem_comp_bond.atom_id_2 
_chem_comp_bond.value_order 
_chem_comp_bond.pdbx_aromatic_flag 
_chem_comp_bond.pdbx_stereo_config 
_chem_comp_bond.pdbx_ordinal 
ALA N   CA   sing N N 1   
ALA N   H    sing N N 2   
ALA N   H2   sing N N 3   
ALA CA  C    sing N N 4   
ALA CA  CB   sing N N 5   
ALA CA  HA   sing N N 6   
ALA C   O    doub N N 7   
ALA C   OXT  sing N N 8   
ALA CB  HB1  sing N N 9   
ALA CB  HB2  sing N N 10  
ALA CB  HB3  sing N N 11  
ALA OXT HXT  sing N N 12  
ARG N   CA   sing N N 13  
ARG N   H    sing N N 14  
ARG N   H2   sing N N 15  
ARG CA  C    sing N N 16  
ARG CA  CB   sing N N 17  
ARG CA  HA   sing N N 18  
ARG C   O    doub N N 19  
ARG C   OXT  sing N N 20  
ARG CB  CG   sing N N 21  
ARG CB  HB2  sing N N 22  
ARG CB  HB3  sing N N 23  
ARG CG  CD   sing N N 24  
ARG CG  HG2  sing N N 25  
ARG CG  HG3  sing N N 26  
ARG CD  NE   sing N N 27  
ARG CD  HD2  sing N N 28  
ARG CD  HD3  sing N N 29  
ARG NE  CZ   sing N N 30  
ARG NE  HE   sing N N 31  
ARG CZ  NH1  sing N N 32  
ARG CZ  NH2  doub N N 33  
ARG NH1 HH11 sing N N 34  
ARG NH1 HH12 sing N N 35  
ARG NH2 HH21 sing N N 36  
ARG NH2 HH22 sing N N 37  
ARG OXT HXT  sing N N 38  
ASN N   CA   sing N N 39  
ASN N   H    sing N N 40  
ASN N   H2   sing N N 41  
ASN CA  C    sing N N 42  
ASN CA  CB   sing N N 43  
ASN CA  HA   sing N N 44  
ASN C   O    doub N N 45  
ASN C   OXT  sing N N 46  
ASN CB  CG   sing N N 47  
ASN CB  HB2  sing N N 48  
ASN CB  HB3  sing N N 49  
ASN CG  OD1  doub N N 50  
ASN CG  ND2  sing N N 51  
ASN ND2 HD21 sing N N 52  
ASN ND2 HD22 sing N N 53  
ASN OXT HXT  sing N N 54  
ASP N   CA   sing N N 55  
ASP N   H    sing N N 56  
ASP N   H2   sing N N 57  
ASP CA  C    sing N N 58  
ASP CA  CB   sing N N 59  
ASP CA  HA   sing N N 60  
ASP C   O    doub N N 61  
ASP C   OXT  sing N N 62  
ASP CB  CG   sing N N 63  
ASP CB  HB2  sing N N 64  
ASP CB  HB3  sing N N 65  
ASP CG  OD1  doub N N 66  
ASP CG  OD2  sing N N 67  
ASP OD2 HD2  sing N N 68  
ASP OXT HXT  sing N N 69  
GLN N   CA   sing N N 70  
GLN N   H    sing N N 71  
GLN N   H2   sing N N 72  
GLN CA  C    sing N N 73  
GLN CA  CB   sing N N 74  
GLN CA  HA   sing N N 75  
GLN C   O    doub N N 76  
GLN C   OXT  sing N N 77  
GLN CB  CG   sing N N 78  
GLN CB  HB2  sing N N 79  
GLN CB  HB3  sing N N 80  
GLN CG  CD   sing N N 81  
GLN CG  HG2  sing N N 82  
GLN CG  HG3  sing N N 83  
GLN CD  OE1  doub N N 84  
GLN CD  NE2  sing N N 85  
GLN NE2 HE21 sing N N 86  
GLN NE2 HE22 sing N N 87  
GLN OXT HXT  sing N N 88  
GLU N   CA   sing N N 89  
GLU N   H    sing N N 90  
GLU N   H2   sing N N 91  
GLU CA  C    sing N N 92  
GLU CA  CB   sing N N 93  
GLU CA  HA   sing N N 94  
GLU C   O    doub N N 95  
GLU C   OXT  sing N N 96  
GLU CB  CG   sing N N 97  
GLU CB  HB2  sing N N 98  
GLU CB  HB3  sing N N 99  
GLU CG  CD   sing N N 100 
GLU CG  HG2  sing N N 101 
GLU CG  HG3  sing N N 102 
GLU CD  OE1  doub N N 103 
GLU CD  OE2  sing N N 104 
GLU OE2 HE2  sing N N 105 
GLU OXT HXT  sing N N 106 
GLY N   CA   sing N N 107 
GLY N   H    sing N N 108 
GLY N   H2   sing N N 109 
GLY CA  C    sing N N 110 
GLY CA  HA2  sing N N 111 
GLY CA  HA3  sing N N 112 
GLY C   O    doub N N 113 
GLY C   OXT  sing N N 114 
GLY OXT HXT  sing N N 115 
HIS N   CA   sing N N 116 
HIS N   H    sing N N 117 
HIS N   H2   sing N N 118 
HIS CA  C    sing N N 119 
HIS CA  CB   sing N N 120 
HIS CA  HA   sing N N 121 
HIS C   O    doub N N 122 
HIS C   OXT  sing N N 123 
HIS CB  CG   sing N N 124 
HIS CB  HB2  sing N N 125 
HIS CB  HB3  sing N N 126 
HIS CG  ND1  sing Y N 127 
HIS CG  CD2  doub Y N 128 
HIS ND1 CE1  doub Y N 129 
HIS ND1 HD1  sing N N 130 
HIS CD2 NE2  sing Y N 131 
HIS CD2 HD2  sing N N 132 
HIS CE1 NE2  sing Y N 133 
HIS CE1 HE1  sing N N 134 
HIS NE2 HE2  sing N N 135 
HIS OXT HXT  sing N N 136 
HOH O   H1   sing N N 137 
HOH O   H2   sing N N 138 
ILE N   CA   sing N N 139 
ILE N   H    sing N N 140 
ILE N   H2   sing N N 141 
ILE CA  C    sing N N 142 
ILE CA  CB   sing N N 143 
ILE CA  HA   sing N N 144 
ILE C   O    doub N N 145 
ILE C   OXT  sing N N 146 
ILE CB  CG1  sing N N 147 
ILE CB  CG2  sing N N 148 
ILE CB  HB   sing N N 149 
ILE CG1 CD1  sing N N 150 
ILE CG1 HG12 sing N N 151 
ILE CG1 HG13 sing N N 152 
ILE CG2 HG21 sing N N 153 
ILE CG2 HG22 sing N N 154 
ILE CG2 HG23 sing N N 155 
ILE CD1 HD11 sing N N 156 
ILE CD1 HD12 sing N N 157 
ILE CD1 HD13 sing N N 158 
ILE OXT HXT  sing N N 159 
LEU N   CA   sing N N 160 
LEU N   H    sing N N 161 
LEU N   H2   sing N N 162 
LEU CA  C    sing N N 163 
LEU CA  CB   sing N N 164 
LEU CA  HA   sing N N 165 
LEU C   O    doub N N 166 
LEU C   OXT  sing N N 167 
LEU CB  CG   sing N N 168 
LEU CB  HB2  sing N N 169 
LEU CB  HB3  sing N N 170 
LEU CG  CD1  sing N N 171 
LEU CG  CD2  sing N N 172 
LEU CG  HG   sing N N 173 
LEU CD1 HD11 sing N N 174 
LEU CD1 HD12 sing N N 175 
LEU CD1 HD13 sing N N 176 
LEU CD2 HD21 sing N N 177 
LEU CD2 HD22 sing N N 178 
LEU CD2 HD23 sing N N 179 
LEU OXT HXT  sing N N 180 
LYS N   CA   sing N N 181 
LYS N   H    sing N N 182 
LYS N   H2   sing N N 183 
LYS CA  C    sing N N 184 
LYS CA  CB   sing N N 185 
LYS CA  HA   sing N N 186 
LYS C   O    doub N N 187 
LYS C   OXT  sing N N 188 
LYS CB  CG   sing N N 189 
LYS CB  HB2  sing N N 190 
LYS CB  HB3  sing N N 191 
LYS CG  CD   sing N N 192 
LYS CG  HG2  sing N N 193 
LYS CG  HG3  sing N N 194 
LYS CD  CE   sing N N 195 
LYS CD  HD2  sing N N 196 
LYS CD  HD3  sing N N 197 
LYS CE  NZ   sing N N 198 
LYS CE  HE2  sing N N 199 
LYS CE  HE3  sing N N 200 
LYS NZ  HZ1  sing N N 201 
LYS NZ  HZ2  sing N N 202 
LYS NZ  HZ3  sing N N 203 
LYS OXT HXT  sing N N 204 
MSE N   CA   sing N N 205 
MSE N   H    sing N N 206 
MSE N   H2   sing N N 207 
MSE CA  C    sing N N 208 
MSE CA  CB   sing N N 209 
MSE CA  HA   sing N N 210 
MSE C   O    doub N N 211 
MSE C   OXT  sing N N 212 
MSE OXT HXT  sing N N 213 
MSE CB  CG   sing N N 214 
MSE CB  HB2  sing N N 215 
MSE CB  HB3  sing N N 216 
MSE CG  SE   sing N N 217 
MSE CG  HG2  sing N N 218 
MSE CG  HG3  sing N N 219 
MSE SE  CE   sing N N 220 
MSE CE  HE1  sing N N 221 
MSE CE  HE2  sing N N 222 
MSE CE  HE3  sing N N 223 
PHE N   CA   sing N N 224 
PHE N   H    sing N N 225 
PHE N   H2   sing N N 226 
PHE CA  C    sing N N 227 
PHE CA  CB   sing N N 228 
PHE CA  HA   sing N N 229 
PHE C   O    doub N N 230 
PHE C   OXT  sing N N 231 
PHE CB  CG   sing N N 232 
PHE CB  HB2  sing N N 233 
PHE CB  HB3  sing N N 234 
PHE CG  CD1  doub Y N 235 
PHE CG  CD2  sing Y N 236 
PHE CD1 CE1  sing Y N 237 
PHE CD1 HD1  sing N N 238 
PHE CD2 CE2  doub Y N 239 
PHE CD2 HD2  sing N N 240 
PHE CE1 CZ   doub Y N 241 
PHE CE1 HE1  sing N N 242 
PHE CE2 CZ   sing Y N 243 
PHE CE2 HE2  sing N N 244 
PHE CZ  HZ   sing N N 245 
PHE OXT HXT  sing N N 246 
PRO N   CA   sing N N 247 
PRO N   CD   sing N N 248 
PRO N   H    sing N N 249 
PRO CA  C    sing N N 250 
PRO CA  CB   sing N N 251 
PRO CA  HA   sing N N 252 
PRO C   O    doub N N 253 
PRO C   OXT  sing N N 254 
PRO CB  CG   sing N N 255 
PRO CB  HB2  sing N N 256 
PRO CB  HB3  sing N N 257 
PRO CG  CD   sing N N 258 
PRO CG  HG2  sing N N 259 
PRO CG  HG3  sing N N 260 
PRO CD  HD2  sing N N 261 
PRO CD  HD3  sing N N 262 
PRO OXT HXT  sing N N 263 
SER N   CA   sing N N 264 
SER N   H    sing N N 265 
SER N   H2   sing N N 266 
SER CA  C    sing N N 267 
SER CA  CB   sing N N 268 
SER CA  HA   sing N N 269 
SER C   O    doub N N 270 
SER C   OXT  sing N N 271 
SER CB  OG   sing N N 272 
SER CB  HB2  sing N N 273 
SER CB  HB3  sing N N 274 
SER OG  HG   sing N N 275 
SER OXT HXT  sing N N 276 
THR N   CA   sing N N 277 
THR N   H    sing N N 278 
THR N   H2   sing N N 279 
THR CA  C    sing N N 280 
THR CA  CB   sing N N 281 
THR CA  HA   sing N N 282 
THR C   O    doub N N 283 
THR C   OXT  sing N N 284 
THR CB  OG1  sing N N 285 
THR CB  CG2  sing N N 286 
THR CB  HB   sing N N 287 
THR OG1 HG1  sing N N 288 
THR CG2 HG21 sing N N 289 
THR CG2 HG22 sing N N 290 
THR CG2 HG23 sing N N 291 
THR OXT HXT  sing N N 292 
TRP N   CA   sing N N 293 
TRP N   H    sing N N 294 
TRP N   H2   sing N N 295 
TRP CA  C    sing N N 296 
TRP CA  CB   sing N N 297 
TRP CA  HA   sing N N 298 
TRP C   O    doub N N 299 
TRP C   OXT  sing N N 300 
TRP CB  CG   sing N N 301 
TRP CB  HB2  sing N N 302 
TRP CB  HB3  sing N N 303 
TRP CG  CD1  doub Y N 304 
TRP CG  CD2  sing Y N 305 
TRP CD1 NE1  sing Y N 306 
TRP CD1 HD1  sing N N 307 
TRP CD2 CE2  doub Y N 308 
TRP CD2 CE3  sing Y N 309 
TRP NE1 CE2  sing Y N 310 
TRP NE1 HE1  sing N N 311 
TRP CE2 CZ2  sing Y N 312 
TRP CE3 CZ3  doub Y N 313 
TRP CE3 HE3  sing N N 314 
TRP CZ2 CH2  doub Y N 315 
TRP CZ2 HZ2  sing N N 316 
TRP CZ3 CH2  sing Y N 317 
TRP CZ3 HZ3  sing N N 318 
TRP CH2 HH2  sing N N 319 
TRP OXT HXT  sing N N 320 
TYR N   CA   sing N N 321 
TYR N   H    sing N N 322 
TYR N   H2   sing N N 323 
TYR CA  C    sing N N 324 
TYR CA  CB   sing N N 325 
TYR CA  HA   sing N N 326 
TYR C   O    doub N N 327 
TYR C   OXT  sing N N 328 
TYR CB  CG   sing N N 329 
TYR CB  HB2  sing N N 330 
TYR CB  HB3  sing N N 331 
TYR CG  CD1  doub Y N 332 
TYR CG  CD2  sing Y N 333 
TYR CD1 CE1  sing Y N 334 
TYR CD1 HD1  sing N N 335 
TYR CD2 CE2  doub Y N 336 
TYR CD2 HD2  sing N N 337 
TYR CE1 CZ   doub Y N 338 
TYR CE1 HE1  sing N N 339 
TYR CE2 CZ   sing Y N 340 
TYR CE2 HE2  sing N N 341 
TYR CZ  OH   sing N N 342 
TYR OH  HH   sing N N 343 
TYR OXT HXT  sing N N 344 
VAL N   CA   sing N N 345 
VAL N   H    sing N N 346 
VAL N   H2   sing N N 347 
VAL CA  C    sing N N 348 
VAL CA  CB   sing N N 349 
VAL CA  HA   sing N N 350 
VAL C   O    doub N N 351 
VAL C   OXT  sing N N 352 
VAL CB  CG1  sing N N 353 
VAL CB  CG2  sing N N 354 
VAL CB  HB   sing N N 355 
VAL CG1 HG11 sing N N 356 
VAL CG1 HG12 sing N N 357 
VAL CG1 HG13 sing N N 358 
VAL CG2 HG21 sing N N 359 
VAL CG2 HG22 sing N N 360 
VAL CG2 HG23 sing N N 361 
VAL OXT HXT  sing N N 362 
# 
_atom_sites.entry_id                    3EXC 
_atom_sites.fract_transf_matrix[1][1]   -0.00580850 
_atom_sites.fract_transf_matrix[1][2]   -0.01028694 
_atom_sites.fract_transf_matrix[1][3]   0.00360975 
_atom_sites.fract_transf_matrix[2][1]   -0.01213820 
_atom_sites.fract_transf_matrix[2][2]   0.00023791 
_atom_sites.fract_transf_matrix[2][3]   0.00228127 
_atom_sites.fract_transf_matrix[3][1]   -0.00378792 
_atom_sites.fract_transf_matrix[3][2]   -0.00475941 
_atom_sites.fract_transf_matrix[3][3]   -0.01965843 
_atom_sites.fract_transf_vector[1]      0.415765 
_atom_sites.fract_transf_vector[2]      0.320119 
_atom_sites.fract_transf_vector[3]      0.458146 
# 
loop_
_atom_type.symbol 
C  
CL 
N  
NA 
O  
SE 
# 
loop_
_atom_site.group_PDB 
_atom_site.id 
_atom_site.type_symbol 
_atom_site.label_atom_id 
_atom_site.label_alt_id 
_atom_site.label_comp_id 
_atom_site.label_asym_id 
_atom_site.label_entity_id 
_atom_site.label_seq_id 
_atom_site.pdbx_PDB_ins_code 
_atom_site.Cartn_x 
_atom_site.Cartn_y 
_atom_site.Cartn_z 
_atom_site.occupancy 
_atom_site.B_iso_or_equiv 
_atom_site.pdbx_formal_charge 
_atom_site.auth_seq_id 
_atom_site.auth_comp_id 
_atom_site.auth_asym_id 
_atom_site.auth_atom_id 
_atom_site.pdbx_PDB_model_num 
HETATM 1   N  N   . MSE A 1 4  ? -12.969 -9.264  0.606   1.00 53.68  ? 1   MSE X N   1 
HETATM 2   C  CA  . MSE A 1 4  ? -12.222 -8.228  1.388   1.00 54.60  ? 1   MSE X CA  1 
HETATM 3   C  C   . MSE A 1 4  ? -10.860 -7.727  0.767   1.00 50.92  ? 1   MSE X C   1 
HETATM 4   O  O   . MSE A 1 4  ? -9.902  -8.500  0.676   1.00 50.88  ? 1   MSE X O   1 
HETATM 5   C  CB  . MSE A 1 4  ? -11.979 -8.782  2.817   1.00 58.82  ? 1   MSE X CB  1 
HETATM 6   C  CG  . MSE A 1 4  ? -12.971 -8.322  3.935   1.00 70.59  ? 1   MSE X CG  1 
HETATM 7   SE SE  . MSE A 1 4  ? -13.601 -6.393  3.741   1.00 99.50  ? 1   MSE X SE  1 
HETATM 8   C  CE  . MSE A 1 4  ? -15.305 -6.605  2.647   1.00 92.46  ? 1   MSE X CE  1 
ATOM   9   N  N   . LYS A 1 5  ? -10.766 -6.457  0.364   1.00 45.75  ? 2   LYS X N   1 
ATOM   10  C  CA  . LYS A 1 5  ? -9.536  -5.901  -0.168  1.00 41.89  ? 2   LYS X CA  1 
ATOM   11  C  C   . LYS A 1 5  ? -8.877  -4.895  0.753   1.00 40.27  ? 2   LYS X C   1 
ATOM   12  O  O   . LYS A 1 5  ? -9.445  -4.430  1.737   1.00 38.08  ? 2   LYS X O   1 
ATOM   13  C  CB  . LYS A 1 5  ? -9.812  -5.179  -1.474  1.00 41.74  ? 2   LYS X CB  1 
ATOM   14  C  CG  . LYS A 1 5  ? -10.557 -5.994  -2.383  1.00 42.76  ? 2   LYS X CG  1 
ATOM   15  C  CD  . LYS A 1 5  ? -9.806  -5.993  -3.632  1.00 49.38  ? 2   LYS X CD  1 
ATOM   16  C  CE  . LYS A 1 5  ? -9.078  -7.289  -3.795  1.00 45.91  ? 2   LYS X CE  1 
ATOM   17  N  NZ  . LYS A 1 5  ? -7.890  -6.876  -4.519  1.00 48.43  ? 2   LYS X NZ  1 
ATOM   18  N  N   . LEU A 1 6  ? -7.674  -4.496  0.404   1.00 39.26  ? 3   LEU X N   1 
ATOM   19  C  CA  . LEU A 1 6  ? -7.158  -3.296  0.991   1.00 38.07  ? 3   LEU X CA  1 
ATOM   20  C  C   . LEU A 1 6  ? -6.296  -2.592  0.065   1.00 36.29  ? 3   LEU X C   1 
ATOM   21  O  O   . LEU A 1 6  ? -5.794  -3.172  -0.870  1.00 34.38  ? 3   LEU X O   1 
ATOM   22  C  CB  . LEU A 1 6  ? -6.459  -3.559  2.323   1.00 40.10  ? 3   LEU X CB  1 
ATOM   23  C  CG  . LEU A 1 6  ? -5.359  -4.554  2.446   1.00 43.76  ? 3   LEU X CG  1 
ATOM   24  C  CD1 . LEU A 1 6  ? -4.239  -4.067  1.637   1.00 45.41  ? 3   LEU X CD1 1 
ATOM   25  C  CD2 . LEU A 1 6  ? -5.031  -4.493  3.915   1.00 42.69  ? 3   LEU X CD2 1 
ATOM   26  N  N   . LEU A 1 7  ? -6.205  -1.291  0.291   1.00 36.20  ? 4   LEU X N   1 
ATOM   27  C  CA  . LEU A 1 7  ? -5.342  -0.381  -0.441  1.00 36.56  ? 4   LEU X CA  1 
ATOM   28  C  C   . LEU A 1 7  ? -4.311  0.134   0.525   1.00 35.28  ? 4   LEU X C   1 
ATOM   29  O  O   . LEU A 1 7  ? -4.652  0.454   1.684   1.00 34.14  ? 4   LEU X O   1 
ATOM   30  C  CB  . LEU A 1 7  ? -6.067  0.892   -0.811  1.00 36.92  ? 4   LEU X CB  1 
ATOM   31  C  CG  . LEU A 1 7  ? -7.193  0.754   -1.762  1.00 43.59  ? 4   LEU X CG  1 
ATOM   32  C  CD1 . LEU A 1 7  ? -7.814  2.180   -1.827  1.00 40.30  ? 4   LEU X CD1 1 
ATOM   33  C  CD2 . LEU A 1 7  ? -6.493  0.388   -3.046  1.00 49.13  ? 4   LEU X CD2 1 
ATOM   34  N  N   . VAL A 1 8  ? -3.092  0.246   0.034   1.00 32.26  ? 5   VAL X N   1 
ATOM   35  C  CA  . VAL A 1 8  ? -2.074  0.951   0.760   1.00 31.93  ? 5   VAL X CA  1 
ATOM   36  C  C   . VAL A 1 8  ? -1.678  2.087   -0.151  1.00 31.36  ? 5   VAL X C   1 
ATOM   37  O  O   . VAL A 1 8  ? -1.242  1.856   -1.285  1.00 33.29  ? 5   VAL X O   1 
ATOM   38  C  CB  . VAL A 1 8  ? -0.864  0.069   0.940   1.00 32.24  ? 5   VAL X CB  1 
ATOM   39  C  CG1 . VAL A 1 8  ? 0.207   0.820   1.696   1.00 28.15  ? 5   VAL X CG1 1 
ATOM   40  C  CG2 . VAL A 1 8  ? -1.310  -1.126  1.722   1.00 30.76  ? 5   VAL X CG2 1 
ATOM   41  N  N   . VAL A 1 9  ? -1.809  3.297   0.338   1.00 28.75  ? 6   VAL X N   1 
ATOM   42  C  CA  . VAL A 1 9  ? -1.440  4.478   -0.363  1.00 29.22  ? 6   VAL X CA  1 
ATOM   43  C  C   . VAL A 1 9  ? -0.361  5.176   0.460   1.00 30.86  ? 6   VAL X C   1 
ATOM   44  O  O   . VAL A 1 9  ? -0.530  5.475   1.648   1.00 30.36  ? 6   VAL X O   1 
ATOM   45  C  CB  . VAL A 1 9  ? -2.706  5.401   -0.484  1.00 29.85  ? 6   VAL X CB  1 
ATOM   46  C  CG1 . VAL A 1 9  ? -2.411  6.687   -1.246  1.00 30.63  ? 6   VAL X CG1 1 
ATOM   47  C  CG2 . VAL A 1 9  ? -3.802  4.637   -1.232  1.00 29.27  ? 6   VAL X CG2 1 
ATOM   48  N  N   . TYR A 1 10 ? 0.742   5.546   -0.162  1.00 32.30  ? 7   TYR X N   1 
ATOM   49  C  CA  . TYR A 1 10 ? 1.821   6.182   0.625   1.00 32.24  ? 7   TYR X CA  1 
ATOM   50  C  C   . TYR A 1 10 ? 2.388   7.528   0.054   1.00 33.87  ? 7   TYR X C   1 
ATOM   51  O  O   . TYR A 1 10 ? 2.307   7.863   -1.178  1.00 33.91  ? 7   TYR X O   1 
ATOM   52  C  CB  . TYR A 1 10 ? 2.926   5.156   0.945   1.00 30.92  ? 7   TYR X CB  1 
ATOM   53  C  CG  . TYR A 1 10 ? 3.459   4.412   -0.246  1.00 31.30  ? 7   TYR X CG  1 
ATOM   54  C  CD1 . TYR A 1 10 ? 2.853   3.245   -0.690  1.00 31.27  ? 7   TYR X CD1 1 
ATOM   55  C  CD2 . TYR A 1 10 ? 4.590   4.875   -0.952  1.00 32.31  ? 7   TYR X CD2 1 
ATOM   56  C  CE1 . TYR A 1 10 ? 3.341   2.566   -1.844  1.00 30.98  ? 7   TYR X CE1 1 
ATOM   57  C  CE2 . TYR A 1 10 ? 5.089   4.195   -2.081  1.00 31.29  ? 7   TYR X CE2 1 
ATOM   58  C  CZ  . TYR A 1 10 ? 4.443   3.034   -2.500  1.00 32.44  ? 7   TYR X CZ  1 
ATOM   59  O  OH  . TYR A 1 10 ? 4.897   2.334   -3.593  1.00 36.44  ? 7   TYR X OH  1 
ATOM   60  N  N   . ASP A 1 11 ? 2.998   8.289   0.959   1.00 33.49  ? 8   ASP X N   1 
ATOM   61  C  CA  . ASP A 1 11 ? 3.597   9.567   0.667   1.00 32.81  ? 8   ASP X CA  1 
ATOM   62  C  C   . ASP A 1 11 ? 4.913   9.479   1.471   1.00 33.04  ? 8   ASP X C   1 
ATOM   63  O  O   . ASP A 1 11 ? 4.997   9.776   2.680   1.00 32.43  ? 8   ASP X O   1 
ATOM   64  C  CB  . ASP A 1 11 ? 2.593   10.654  1.115   1.00 33.32  ? 8   ASP X CB  1 
ATOM   65  C  CG  . ASP A 1 11 ? 3.190   12.072  1.166   1.00 35.27  ? 8   ASP X CG  1 
ATOM   66  O  OD1 . ASP A 1 11 ? 4.426   12.233  0.906   1.00 32.27  ? 8   ASP X OD1 1 
ATOM   67  O  OD2 . ASP A 1 11 ? 2.408   13.038  1.516   1.00 38.50  ? 8   ASP X OD2 1 
ATOM   68  N  N   . VAL A 1 12 ? 5.936   8.971   0.801   1.00 32.98  ? 9   VAL X N   1 
ATOM   69  C  CA  . VAL A 1 12 ? 7.179   8.732   1.428   1.00 33.83  ? 9   VAL X CA  1 
ATOM   70  C  C   . VAL A 1 12 ? 8.221   9.665   0.818   1.00 37.17  ? 9   VAL X C   1 
ATOM   71  O  O   . VAL A 1 12 ? 8.550   9.496   -0.349  1.00 37.23  ? 9   VAL X O   1 
ATOM   72  C  CB  . VAL A 1 12 ? 7.613   7.277   1.225   1.00 33.60  ? 9   VAL X CB  1 
ATOM   73  C  CG1 . VAL A 1 12 ? 9.034   7.106   1.666   1.00 29.84  ? 9   VAL X CG1 1 
ATOM   74  C  CG2 . VAL A 1 12 ? 6.672   6.338   2.023   1.00 29.29  ? 9   VAL X CG2 1 
ATOM   75  N  N   . SER A 1 13 ? 8.722   10.643  1.591   1.00 39.21  ? 10  SER X N   1 
ATOM   76  C  CA  . SER A 1 13 ? 9.725   11.611  1.076   1.00 42.55  ? 10  SER X CA  1 
ATOM   77  C  C   . SER A 1 13 ? 11.050  11.027  0.584   1.00 43.84  ? 10  SER X C   1 
ATOM   78  O  O   . SER A 1 13 ? 11.393  11.248  -0.568  1.00 44.52  ? 10  SER X O   1 
ATOM   79  C  CB  . SER A 1 13 ? 9.966   12.787  2.036   1.00 42.64  ? 10  SER X CB  1 
ATOM   80  O  OG  . SER A 1 13 ? 8.918   13.739  1.834   1.00 45.87  ? 10  SER X OG  1 
ATOM   81  N  N   . ASP A 1 14 ? 11.780  10.292  1.419   1.00 45.30  ? 11  ASP X N   1 
ATOM   82  C  CA  . ASP A 1 14 ? 13.046  9.641   0.980   1.00 47.11  ? 11  ASP X CA  1 
ATOM   83  C  C   . ASP A 1 14 ? 12.882  8.602   -0.196  1.00 47.43  ? 11  ASP X C   1 
ATOM   84  O  O   . ASP A 1 14 ? 12.306  7.513   -0.019  1.00 47.66  ? 11  ASP X O   1 
ATOM   85  C  CB  . ASP A 1 14 ? 13.718  9.020   2.209   1.00 47.70  ? 11  ASP X CB  1 
ATOM   86  C  CG  . ASP A 1 14 ? 15.085  8.462   1.930   1.00 51.07  ? 11  ASP X CG  1 
ATOM   87  O  OD1 . ASP A 1 14 ? 15.509  8.350   0.764   1.00 55.52  ? 11  ASP X OD1 1 
ATOM   88  O  OD2 . ASP A 1 14 ? 15.772  8.130   2.919   1.00 55.72  ? 11  ASP X OD2 1 
ATOM   89  N  N   . ASP A 1 15 ? 13.390  8.960   -1.385  1.00 47.43  ? 12  ASP X N   1 
ATOM   90  C  CA  . ASP A 1 15 ? 13.434  8.096   -2.600  1.00 47.63  ? 12  ASP X CA  1 
ATOM   91  C  C   . ASP A 1 15 ? 13.752  6.626   -2.307  1.00 46.90  ? 12  ASP X C   1 
ATOM   92  O  O   . ASP A 1 15 ? 13.152  5.709   -2.867  1.00 47.15  ? 12  ASP X O   1 
ATOM   93  C  CB  . ASP A 1 15 ? 14.505  8.612   -3.600  1.00 48.57  ? 12  ASP X CB  1 
ATOM   94  C  CG  . ASP A 1 15 ? 13.912  9.274   -4.859  1.00 50.81  ? 12  ASP X CG  1 
ATOM   95  O  OD1 . ASP A 1 15 ? 14.649  9.399   -5.879  1.00 55.02  ? 12  ASP X OD1 1 
ATOM   96  O  OD2 . ASP A 1 15 ? 12.730  9.683   -4.834  1.00 53.54  ? 12  ASP X OD2 1 
ATOM   97  N  N   . SER A 1 16 ? 14.718  6.418   -1.437  1.00 45.54  ? 13  SER X N   1 
ATOM   98  C  CA  . SER A 1 16 ? 15.191  5.104   -1.127  1.00 44.87  ? 13  SER X CA  1 
ATOM   99  C  C   . SER A 1 16 ? 14.234  4.311   -0.225  1.00 43.92  ? 13  SER X C   1 
ATOM   100 O  O   . SER A 1 16 ? 14.067  3.106   -0.402  1.00 43.33  ? 13  SER X O   1 
ATOM   101 C  CB  . SER A 1 16 ? 16.556  5.270   -0.497  1.00 45.37  ? 13  SER X CB  1 
ATOM   102 O  OG  . SER A 1 16 ? 16.914  4.070   0.121   1.00 48.60  ? 13  SER X OG  1 
ATOM   103 N  N   . LYS A 1 17 ? 13.607  4.993   0.733   1.00 43.36  ? 14  LYS X N   1 
ATOM   104 C  CA  . LYS A 1 17 ? 12.589  4.380   1.569   1.00 43.07  ? 14  LYS X CA  1 
ATOM   105 C  C   . LYS A 1 17 ? 11.372  4.034   0.748   1.00 42.36  ? 14  LYS X C   1 
ATOM   106 O  O   . LYS A 1 17 ? 10.780  2.988   0.977   1.00 41.54  ? 14  LYS X O   1 
ATOM   107 C  CB  . LYS A 1 17 ? 12.152  5.286   2.724   1.00 43.64  ? 14  LYS X CB  1 
ATOM   108 C  CG  . LYS A 1 17 ? 13.197  5.504   3.811   1.00 46.22  ? 14  LYS X CG  1 
ATOM   109 C  CD  . LYS A 1 17 ? 12.532  6.139   5.014   1.00 49.78  ? 14  LYS X CD  1 
ATOM   110 C  CE  . LYS A 1 17 ? 13.288  7.365   5.521   1.00 54.04  ? 14  LYS X CE  1 
ATOM   111 N  NZ  . LYS A 1 17 ? 14.314  7.042   6.543   1.00 56.06  ? 14  LYS X NZ  1 
ATOM   112 N  N   . ARG A 1 18 ? 11.002  4.894   -0.200  1.00 41.71  ? 15  ARG X N   1 
ATOM   113 C  CA  . ARG A 1 18 ? 9.861   4.595   -1.066  1.00 42.19  ? 15  ARG X CA  1 
ATOM   114 C  C   . ARG A 1 18 ? 9.998   3.257   -1.810  1.00 42.01  ? 15  ARG X C   1 
ATOM   115 O  O   . ARG A 1 18 ? 9.061   2.480   -1.877  1.00 41.26  ? 15  ARG X O   1 
ATOM   116 C  CB  . ARG A 1 18 ? 9.510   5.716   -2.063  1.00 42.62  ? 15  ARG X CB  1 
ATOM   117 C  CG  . ARG A 1 18 ? 8.321   5.374   -3.041  1.00 46.31  ? 15  ARG X CG  1 
ATOM   118 C  CD  . ARG A 1 18 ? 7.599   6.587   -3.668  1.00 53.02  ? 15  ARG X CD  1 
ATOM   119 N  NE  . ARG A 1 18 ? 8.634   7.377   -4.302  1.00 59.09  ? 15  ARG X NE  1 
ATOM   120 C  CZ  . ARG A 1 18 ? 9.363   8.291   -3.653  1.00 61.47  ? 15  ARG X CZ  1 
ATOM   121 N  NH1 . ARG A 1 18 ? 9.093   8.540   -2.381  1.00 64.00  ? 15  ARG X NH1 1 
ATOM   122 N  NH2 . ARG A 1 18 ? 10.343  8.970   -4.255  1.00 59.26  ? 15  ARG X NH2 1 
ATOM   123 N  N   . ASN A 1 19 ? 11.150  2.931   -2.369  1.00 42.19  ? 16  ASN X N   1 
ATOM   124 C  CA  . ASN A 1 19 ? 11.133  1.648   -3.043  1.00 41.32  ? 16  ASN X CA  1 
ATOM   125 C  C   . ASN A 1 19 ? 11.469  0.441   -2.208  1.00 39.61  ? 16  ASN X C   1 
ATOM   126 O  O   . ASN A 1 19 ? 11.090  -0.654  -2.601  1.00 39.71  ? 16  ASN X O   1 
ATOM   127 C  CB  . ASN A 1 19 ? 11.940  1.657   -4.306  1.00 43.69  ? 16  ASN X CB  1 
ATOM   128 C  CG  . ASN A 1 19 ? 13.176  2.395   -4.159  1.00 46.12  ? 16  ASN X CG  1 
ATOM   129 O  OD1 . ASN A 1 19 ? 13.834  2.687   -5.153  1.00 52.31  ? 16  ASN X OD1 1 
ATOM   130 N  ND2 . ASN A 1 19 ? 13.536  2.727   -2.916  1.00 51.14  ? 16  ASN X ND2 1 
ATOM   131 N  N   . LYS A 1 20 ? 12.137  0.616   -1.062  1.00 37.22  ? 17  LYS X N   1 
ATOM   132 C  CA  . LYS A 1 20 ? 12.110  -0.432  -0.047  1.00 34.78  ? 17  LYS X CA  1 
ATOM   133 C  C   . LYS A 1 20 ? 10.664  -0.824  0.276   1.00 33.46  ? 17  LYS X C   1 
ATOM   134 O  O   . LYS A 1 20 ? 10.333  -2.008  0.322   1.00 33.11  ? 17  LYS X O   1 
ATOM   135 C  CB  . LYS A 1 20 ? 12.760  0.053   1.204   1.00 34.99  ? 17  LYS X CB  1 
ATOM   136 C  CG  . LYS A 1 20 ? 13.152  -1.065  2.161   1.00 37.66  ? 17  LYS X CG  1 
ATOM   137 C  CD  . LYS A 1 20 ? 13.976  -0.518  3.368   1.00 36.06  ? 17  LYS X CD  1 
ATOM   138 C  CE  . LYS A 1 20 ? 14.979  -1.500  3.844   1.00 34.89  ? 17  LYS X CE  1 
ATOM   139 N  NZ  . LYS A 1 20 ? 15.888  -0.889  4.843   1.00 35.47  ? 17  LYS X NZ  1 
ATOM   140 N  N   . LEU A 1 21 ? 9.804   0.169   0.496   1.00 31.61  ? 18  LEU X N   1 
ATOM   141 C  CA  . LEU A 1 21 ? 8.368   -0.088  0.818   1.00 31.02  ? 18  LEU X CA  1 
ATOM   142 C  C   . LEU A 1 21 ? 7.654   -0.776  -0.338  1.00 31.49  ? 18  LEU X C   1 
ATOM   143 O  O   . LEU A 1 21 ? 7.057   -1.803  -0.130  1.00 30.67  ? 18  LEU X O   1 
ATOM   144 C  CB  . LEU A 1 21 ? 7.643   1.209   1.202   1.00 29.84  ? 18  LEU X CB  1 
ATOM   145 C  CG  . LEU A 1 21 ? 6.180   1.041   1.615   1.00 29.55  ? 18  LEU X CG  1 
ATOM   146 C  CD1 . LEU A 1 21 ? 6.068   0.226   2.876   1.00 31.43  ? 18  LEU X CD1 1 
ATOM   147 C  CD2 . LEU A 1 21 ? 5.552   2.414   1.808   1.00 25.93  ? 18  LEU X CD2 1 
ATOM   148 N  N   . ALA A 1 22 ? 7.803   -0.248  -1.559  1.00 32.48  ? 19  ALA X N   1 
ATOM   149 C  CA  . ALA A 1 22 ? 7.227   -0.859  -2.777  1.00 33.79  ? 19  ALA X CA  1 
ATOM   150 C  C   . ALA A 1 22 ? 7.682   -2.300  -2.864  1.00 34.69  ? 19  ALA X C   1 
ATOM   151 O  O   . ALA A 1 22 ? 6.866   -3.185  -3.099  1.00 34.83  ? 19  ALA X O   1 
ATOM   152 C  CB  . ALA A 1 22 ? 7.611   -0.107  -4.036  1.00 32.39  ? 19  ALA X CB  1 
ATOM   153 N  N   . ASN A 1 23 ? 8.968   -2.538  -2.623  1.00 36.03  ? 20  ASN X N   1 
ATOM   154 C  CA  . ASN A 1 23 ? 9.529   -3.902  -2.706  1.00 37.21  ? 20  ASN X CA  1 
ATOM   155 C  C   . ASN A 1 23 ? 8.909   -4.821  -1.696  1.00 36.75  ? 20  ASN X C   1 
ATOM   156 O  O   . ASN A 1 23 ? 8.608   -5.978  -2.011  1.00 36.56  ? 20  ASN X O   1 
ATOM   157 C  CB  . ASN A 1 23 ? 11.057  -3.936  -2.474  1.00 37.85  ? 20  ASN X CB  1 
ATOM   158 C  CG  . ASN A 1 23 ? 11.845  -3.416  -3.659  1.00 40.75  ? 20  ASN X CG  1 
ATOM   159 O  OD1 . ASN A 1 23 ? 11.274  -3.132  -4.739  1.00 47.13  ? 20  ASN X OD1 1 
ATOM   160 N  ND2 . ASN A 1 23 ? 13.147  -3.227  -3.460  1.00 38.05  ? 20  ASN X ND2 1 
ATOM   161 N  N   . ASN A 1 24 ? 8.762   -4.314  -0.471  1.00 36.13  ? 21  ASN X N   1 
ATOM   162 C  CA  . ASN A 1 24 ? 8.143   -5.111  0.593   1.00 35.80  ? 21  ASN X CA  1 
ATOM   163 C  C   . ASN A 1 24 ? 6.656   -5.376  0.486   1.00 35.03  ? 21  ASN X C   1 
ATOM   164 O  O   . ASN A 1 24 ? 6.181   -6.475  0.780   1.00 35.24  ? 21  ASN X O   1 
ATOM   165 C  CB  . ASN A 1 24 ? 8.505   -4.557  1.935   1.00 35.49  ? 21  ASN X CB  1 
ATOM   166 C  CG  . ASN A 1 24 ? 9.882   -5.035  2.364   1.00 37.91  ? 21  ASN X CG  1 
ATOM   167 O  OD1 . ASN A 1 24 ? 10.912  -4.381  2.069   1.00 35.13  ? 21  ASN X OD1 1 
ATOM   168 N  ND2 . ASN A 1 24 ? 9.917   -6.236  2.980   1.00 37.68  ? 21  ASN X ND2 1 
ATOM   169 N  N   . LEU A 1 25 ? 5.924   -4.373  0.060   1.00 34.03  ? 22  LEU X N   1 
ATOM   170 C  CA  . LEU A 1 25 ? 4.516   -4.578  -0.328  1.00 34.59  ? 22  LEU X CA  1 
ATOM   171 C  C   . LEU A 1 25 ? 4.351   -5.674  -1.437  1.00 35.09  ? 22  LEU X C   1 
ATOM   172 O  O   . LEU A 1 25 ? 3.449   -6.479  -1.332  1.00 35.25  ? 22  LEU X O   1 
ATOM   173 C  CB  . LEU A 1 25 ? 3.860   -3.216  -0.721  1.00 33.12  ? 22  LEU X CB  1 
ATOM   174 C  CG  . LEU A 1 25 ? 3.866   -2.059  0.286   1.00 30.75  ? 22  LEU X CG  1 
ATOM   175 C  CD1 . LEU A 1 25 ? 3.209   -0.813  -0.333  1.00 26.74  ? 22  LEU X CD1 1 
ATOM   176 C  CD2 . LEU A 1 25 ? 3.118   -2.492  1.522   1.00 28.41  ? 22  LEU X CD2 1 
ATOM   177 N  N   . LYS A 1 26 ? 5.200   -5.720  -2.475  1.00 36.20  ? 23  LYS X N   1 
ATOM   178 C  CA  . LYS A 1 26 ? 5.091   -6.807  -3.457  1.00 39.17  ? 23  LYS X CA  1 
ATOM   179 C  C   . LYS A 1 26 ? 5.336   -8.133  -2.721  1.00 40.17  ? 23  LYS X C   1 
ATOM   180 O  O   . LYS A 1 26 ? 4.584   -9.092  -2.897  1.00 40.67  ? 23  LYS X O   1 
ATOM   181 C  CB  . LYS A 1 26 ? 6.111   -6.703  -4.601  1.00 39.39  ? 23  LYS X CB  1 
ATOM   182 C  CG  . LYS A 1 26 ? 5.870   -5.557  -5.541  1.00 42.76  ? 23  LYS X CG  1 
ATOM   183 C  CD  . LYS A 1 26 ? 7.049   -5.485  -6.560  1.00 49.54  ? 23  LYS X CD  1 
ATOM   184 C  CE  . LYS A 1 26 ? 7.526   -4.003  -6.910  1.00 52.62  ? 23  LYS X CE  1 
ATOM   185 N  NZ  . LYS A 1 26 ? 6.685   -3.170  -7.883  1.00 51.65  ? 23  LYS X NZ  1 
ATOM   186 N  N   . LYS A 1 27 ? 6.369   -8.182  -1.869  1.00 40.13  ? 24  LYS X N   1 
ATOM   187 C  CA  . LYS A 1 27 ? 6.730   -9.435  -1.208  1.00 40.43  ? 24  LYS X CA  1 
ATOM   188 C  C   . LYS A 1 27 ? 5.571   -10.006 -0.413  1.00 40.03  ? 24  LYS X C   1 
ATOM   189 O  O   . LYS A 1 27 ? 5.396   -11.223 -0.393  1.00 39.77  ? 24  LYS X O   1 
ATOM   190 C  CB  . LYS A 1 27 ? 7.960   -9.290  -0.301  1.00 40.98  ? 24  LYS X CB  1 
ATOM   191 C  CG  . LYS A 1 27 ? 9.313   -9.178  -1.027  1.00 42.60  ? 24  LYS X CG  1 
ATOM   192 C  CD  . LYS A 1 27 ? 10.497  -8.986  -0.017  1.00 45.23  ? 24  LYS X CD  1 
ATOM   193 C  CE  . LYS A 1 27 ? 10.166  -9.511  1.398   1.00 48.29  ? 24  LYS X CE  1 
ATOM   194 N  NZ  . LYS A 1 27 ? 11.354  -10.160 2.080   1.00 48.50  ? 24  LYS X NZ  1 
ATOM   195 N  N   . LEU A 1 28 ? 4.784   -9.140  0.229   1.00 39.54  ? 25  LEU X N   1 
ATOM   196 C  CA  . LEU A 1 28 ? 3.632   -9.600  1.018   1.00 39.99  ? 25  LEU X CA  1 
ATOM   197 C  C   . LEU A 1 28 ? 2.455   -9.963  0.111   1.00 40.91  ? 25  LEU X C   1 
ATOM   198 O  O   . LEU A 1 28 ? 1.311   -10.101 0.616   1.00 42.71  ? 25  LEU X O   1 
ATOM   199 C  CB  . LEU A 1 28 ? 3.154   -8.526  2.027   1.00 39.19  ? 25  LEU X CB  1 
ATOM   200 C  CG  . LEU A 1 28 ? 4.101   -7.872  3.037   1.00 38.38  ? 25  LEU X CG  1 
ATOM   201 C  CD1 . LEU A 1 28 ? 3.325   -7.052  4.002   1.00 39.04  ? 25  LEU X CD1 1 
ATOM   202 C  CD2 . LEU A 1 28 ? 4.868   -8.893  3.787   1.00 37.82  ? 25  LEU X CD2 1 
ATOM   203 N  N   . GLY A 1 29 ? 2.699   -9.993  -1.213  1.00 40.15  ? 26  GLY X N   1 
ATOM   204 C  CA  . GLY A 1 29 ? 1.645   -10.215 -2.234  1.00 39.50  ? 26  GLY X CA  1 
ATOM   205 C  C   . GLY A 1 29 ? 0.707   -9.071  -2.677  1.00 39.39  ? 26  GLY X C   1 
ATOM   206 O  O   . GLY A 1 29 ? -0.267  -9.305  -3.416  1.00 40.31  ? 26  GLY X O   1 
ATOM   207 N  N   . LEU A 1 30 ? 0.948   -7.830  -2.281  1.00 37.72  ? 27  LEU X N   1 
ATOM   208 C  CA  . LEU A 1 30 ? 0.107   -6.747  -2.845  1.00 36.54  ? 27  LEU X CA  1 
ATOM   209 C  C   . LEU A 1 30 ? 0.571   -6.423  -4.256  1.00 35.72  ? 27  LEU X C   1 
ATOM   210 O  O   . LEU A 1 30 ? 1.704   -6.697  -4.583  1.00 35.76  ? 27  LEU X O   1 
ATOM   211 C  CB  . LEU A 1 30 ? 0.217   -5.469  -2.056  1.00 35.92  ? 27  LEU X CB  1 
ATOM   212 C  CG  . LEU A 1 30 ? -0.020  -5.429  -0.574  1.00 38.77  ? 27  LEU X CG  1 
ATOM   213 C  CD1 . LEU A 1 30 ? -1.043  -4.368  -0.311  1.00 36.68  ? 27  LEU X CD1 1 
ATOM   214 C  CD2 . LEU A 1 30 ? -0.594  -6.652  -0.139  1.00 42.94  ? 27  LEU X CD2 1 
ATOM   215 N  N   . GLU A 1 31 ? -0.279  -5.787  -5.060  1.00 35.38  ? 28  GLU X N   1 
ATOM   216 C  CA  . GLU A 1 31 ? 0.042   -5.483  -6.434  1.00 35.04  ? 28  GLU X CA  1 
ATOM   217 C  C   . GLU A 1 31 ? 0.047   -4.008  -6.669  1.00 34.11  ? 28  GLU X C   1 
ATOM   218 O  O   . GLU A 1 31 ? -0.884  -3.314  -6.237  1.00 31.09  ? 28  GLU X O   1 
ATOM   219 C  CB  . GLU A 1 31 ? -0.958  -6.177  -7.360  1.00 35.55  ? 28  GLU X CB  1 
ATOM   220 C  CG  . GLU A 1 31 ? -0.503  -7.642  -7.586  1.00 43.92  ? 28  GLU X CG  1 
ATOM   221 C  CD  . GLU A 1 31 ? -1.415  -8.400  -8.508  1.00 54.35  ? 28  GLU X CD  1 
ATOM   222 O  OE1 . GLU A 1 31 ? -2.107  -7.760  -9.362  1.00 60.01  ? 28  GLU X OE1 1 
ATOM   223 O  OE2 . GLU A 1 31 ? -1.445  -9.646  -8.385  1.00 59.61  ? 28  GLU X OE2 1 
ATOM   224 N  N   . ARG A 1 32 ? 1.056   -3.523  -7.397  1.00 33.19  ? 29  ARG X N   1 
ATOM   225 C  CA  . ARG A 1 32 ? 1.092   -2.098  -7.652  1.00 33.71  ? 29  ARG X CA  1 
ATOM   226 C  C   . ARG A 1 32 ? -0.034  -1.673  -8.571  1.00 32.74  ? 29  ARG X C   1 
ATOM   227 O  O   . ARG A 1 32 ? -0.278  -2.311  -9.549  1.00 33.51  ? 29  ARG X O   1 
ATOM   228 C  CB  . ARG A 1 32 ? 2.407   -1.664  -8.223  1.00 34.34  ? 29  ARG X CB  1 
ATOM   229 C  CG  . ARG A 1 32 ? 2.462   -0.161  -8.293  1.00 37.97  ? 29  ARG X CG  1 
ATOM   230 C  CD  . ARG A 1 32 ? 3.645   0.301   -9.162  1.00 46.23  ? 29  ARG X CD  1 
ATOM   231 N  NE  . ARG A 1 32 ? 4.945   0.119   -8.513  1.00 46.36  ? 29  ARG X NE  1 
ATOM   232 C  CZ  . ARG A 1 32 ? 5.520   0.939   -7.625  1.00 47.12  ? 29  ARG X CZ  1 
ATOM   233 N  NH1 . ARG A 1 32 ? 4.914   2.044   -7.238  1.00 46.54  ? 29  ARG X NH1 1 
ATOM   234 N  NH2 . ARG A 1 32 ? 6.732   0.662   -7.152  1.00 43.93  ? 29  ARG X NH2 1 
ATOM   235 N  N   . ILE A 1 33 ? -0.776  -0.639  -8.213  1.00 32.58  ? 30  ILE X N   1 
ATOM   236 C  CA  . ILE A 1 33 ? -1.768  -0.065  -9.126  1.00 31.32  ? 30  ILE X CA  1 
ATOM   237 C  C   . ILE A 1 33 ? -1.351  1.341   -9.589  1.00 32.18  ? 30  ILE X C   1 
ATOM   238 O  O   . ILE A 1 33 ? -1.874  1.797   -10.585 1.00 33.84  ? 30  ILE X O   1 
ATOM   239 C  CB  . ILE A 1 33 ? -3.178  0.039   -8.499  1.00 29.40  ? 30  ILE X CB  1 
ATOM   240 C  CG1 . ILE A 1 33 ? -3.119  0.877   -7.266  1.00 27.18  ? 30  ILE X CG1 1 
ATOM   241 C  CG2 . ILE A 1 33 ? -3.692  -1.306  -8.160  1.00 33.13  ? 30  ILE X CG2 1 
ATOM   242 C  CD1 . ILE A 1 33 ? -4.554  1.299   -6.619  1.00 31.99  ? 30  ILE X CD1 1 
ATOM   243 N  N   . GLN A 1 34 ? -0.474  2.049   -8.859  1.00 32.75  ? 31  GLN X N   1 
ATOM   244 C  CA  . GLN A 1 34 ? 0.011   3.388   -9.290  1.00 33.62  ? 31  GLN X CA  1 
ATOM   245 C  C   . GLN A 1 34 ? 1.313   3.599   -8.655  1.00 33.69  ? 31  GLN X C   1 
ATOM   246 O  O   . GLN A 1 34 ? 1.676   2.848   -7.782  1.00 35.03  ? 31  GLN X O   1 
ATOM   247 C  CB  . GLN A 1 34 ? -0.766  4.488   -8.604  1.00 34.70  ? 31  GLN X CB  1 
ATOM   248 C  CG  . GLN A 1 34 ? -2.019  4.747   -9.125  1.00 34.31  ? 31  GLN X CG  1 
ATOM   249 C  CD  . GLN A 1 34 ? -2.592  6.021   -8.612  1.00 33.68  ? 31  GLN X CD  1 
ATOM   250 O  OE1 . GLN A 1 34 ? -1.875  6.901   -8.098  1.00 30.78  ? 31  GLN X OE1 1 
ATOM   251 N  NE2 . GLN A 1 34 ? -3.890  6.208   -8.887  1.00 31.62  ? 31  GLN X NE2 1 
ATOM   252 N  N   . ARG A 1 35 ? 1.953   4.712   -8.964  1.00 34.64  ? 32  ARG X N   1 
ATOM   253 C  CA  . ARG A 1 35 ? 3.253   5.012   -8.373  1.00 37.50  ? 32  ARG X CA  1 
ATOM   254 C  C   . ARG A 1 35 ? 3.320   4.914   -6.825  1.00 38.12  ? 32  ARG X C   1 
ATOM   255 O  O   . ARG A 1 35 ? 4.362   4.548   -6.237  1.00 40.21  ? 32  ARG X O   1 
ATOM   256 C  CB  . ARG A 1 35 ? 3.745   6.379   -8.834  1.00 37.39  ? 32  ARG X CB  1 
ATOM   257 C  CG  . ARG A 1 35 ? 4.580   7.075   -7.845  1.00 42.07  ? 32  ARG X CG  1 
ATOM   258 C  CD  . ARG A 1 35 ? 4.912   8.481   -8.295  1.00 49.57  ? 32  ARG X CD  1 
ATOM   259 N  NE  . ARG A 1 35 ? 5.418   9.181   -7.127  1.00 55.25  ? 32  ARG X NE  1 
ATOM   260 C  CZ  . ARG A 1 35 ? 6.700   9.247   -6.808  1.00 57.89  ? 32  ARG X CZ  1 
ATOM   261 N  NH1 . ARG A 1 35 ? 7.607   8.680   -7.586  1.00 61.35  ? 32  ARG X NH1 1 
ATOM   262 N  NH2 . ARG A 1 35 ? 7.074   9.883   -5.712  1.00 61.43  ? 32  ARG X NH2 1 
ATOM   263 N  N   . SER A 1 36 ? 2.259   5.271   -6.131  1.00 37.52  ? 33  SER X N   1 
ATOM   264 C  CA  . SER A 1 36 ? 2.411   5.137   -4.661  1.00 36.69  ? 33  SER X CA  1 
ATOM   265 C  C   . SER A 1 36 ? 1.191   4.450   -4.038  1.00 34.39  ? 33  SER X C   1 
ATOM   266 O  O   . SER A 1 36 ? 0.699   4.900   -3.023  1.00 35.13  ? 33  SER X O   1 
ATOM   267 C  CB  . SER A 1 36 ? 2.702   6.514   -4.035  1.00 36.53  ? 33  SER X CB  1 
ATOM   268 O  OG  . SER A 1 36 ? 4.044   6.923   -4.315  1.00 39.63  ? 33  SER X OG  1 
ATOM   269 N  N   . ALA A 1 37 ? 0.696   3.384   -4.675  1.00 31.39  ? 34  ALA X N   1 
ATOM   270 C  CA  . ALA A 1 37 ? -0.526  2.742   -4.203  1.00 30.45  ? 34  ALA X CA  1 
ATOM   271 C  C   . ALA A 1 37 ? -0.463  1.295   -4.618  1.00 29.78  ? 34  ALA X C   1 
ATOM   272 O  O   . ALA A 1 37 ? 0.014   0.965   -5.685  1.00 29.87  ? 34  ALA X O   1 
ATOM   273 C  CB  . ALA A 1 37 ? -1.754  3.451   -4.794  1.00 28.82  ? 34  ALA X CB  1 
ATOM   274 N  N   . PHE A 1 38 ? -0.903  0.431   -3.740  1.00 29.57  ? 35  PHE X N   1 
ATOM   275 C  CA  . PHE A 1 38 ? -0.921  -1.003  -3.981  1.00 31.27  ? 35  PHE X CA  1 
ATOM   276 C  C   . PHE A 1 38 ? -2.286  -1.509  -3.525  1.00 32.35  ? 35  PHE X C   1 
ATOM   277 O  O   . PHE A 1 38 ? -2.920  -0.844  -2.679  1.00 32.65  ? 35  PHE X O   1 
ATOM   278 C  CB  . PHE A 1 38 ? 0.135   -1.683  -3.097  1.00 30.41  ? 35  PHE X CB  1 
ATOM   279 C  CG  . PHE A 1 38 ? 1.503   -1.708  -3.694  1.00 28.07  ? 35  PHE X CG  1 
ATOM   280 C  CD1 . PHE A 1 38 ? 2.016   -2.889  -4.200  1.00 27.70  ? 35  PHE X CD1 1 
ATOM   281 C  CD2 . PHE A 1 38 ? 2.274   -0.536  -3.751  1.00 29.86  ? 35  PHE X CD2 1 
ATOM   282 C  CE1 . PHE A 1 38 ? 3.328   -2.908  -4.767  1.00 30.14  ? 35  PHE X CE1 1 
ATOM   283 C  CE2 . PHE A 1 38 ? 3.549   -0.497  -4.325  1.00 26.19  ? 35  PHE X CE2 1 
ATOM   284 C  CZ  . PHE A 1 38 ? 4.094   -1.677  -4.830  1.00 30.39  ? 35  PHE X CZ  1 
ATOM   285 N  N   . GLU A 1 39 ? -2.746  -2.635  -4.058  1.00 33.60  ? 36  GLU X N   1 
ATOM   286 C  CA  . GLU A 1 39 ? -3.970  -3.296  -3.532  1.00 37.07  ? 36  GLU X CA  1 
ATOM   287 C  C   . GLU A 1 39 ? -3.704  -4.771  -3.364  1.00 37.56  ? 36  GLU X C   1 
ATOM   288 O  O   . GLU A 1 39 ? -2.782  -5.311  -3.999  1.00 38.09  ? 36  GLU X O   1 
ATOM   289 C  CB  . GLU A 1 39 ? -5.222  -3.069  -4.440  1.00 38.05  ? 36  GLU X CB  1 
ATOM   290 C  CG  . GLU A 1 39 ? -4.968  -3.416  -5.939  1.00 45.49  ? 36  GLU X CG  1 
ATOM   291 C  CD  . GLU A 1 39 ? -5.173  -4.907  -6.310  1.00 52.83  ? 36  GLU X CD  1 
ATOM   292 O  OE1 . GLU A 1 39 ? -5.799  -5.621  -5.464  1.00 54.92  ? 36  GLU X OE1 1 
ATOM   293 O  OE2 . GLU A 1 39 ? -4.739  -5.336  -7.446  1.00 55.40  ? 36  GLU X OE2 1 
ATOM   294 N  N   . GLY A 1 40 ? -4.473  -5.448  -2.514  1.00 37.96  ? 37  GLY X N   1 
ATOM   295 C  CA  . GLY A 1 40 ? -4.229  -6.857  -2.339  1.00 41.22  ? 37  GLY X CA  1 
ATOM   296 C  C   . GLY A 1 40 ? -5.402  -7.394  -1.579  1.00 43.47  ? 37  GLY X C   1 
ATOM   297 O  O   . GLY A 1 40 ? -6.277  -6.633  -1.223  1.00 42.28  ? 37  GLY X O   1 
ATOM   298 N  N   . ASP A 1 41 ? -5.418  -8.692  -1.347  1.00 45.36  ? 38  ASP X N   1 
ATOM   299 C  CA  . ASP A 1 41 ? -6.483  -9.313  -0.640  1.00 50.19  ? 38  ASP X CA  1 
ATOM   300 C  C   . ASP A 1 41 ? -6.072  -9.515  0.805   1.00 53.85  ? 38  ASP X C   1 
ATOM   301 O  O   . ASP A 1 41 ? -4.931  -9.883  1.097   1.00 54.06  ? 38  ASP X O   1 
ATOM   302 C  CB  . ASP A 1 41 ? -6.820  -10.679 -1.261  1.00 49.57  ? 38  ASP X CB  1 
ATOM   303 C  CG  . ASP A 1 41 ? -7.143  -10.619 -2.808  1.00 51.49  ? 38  ASP X CG  1 
ATOM   304 O  OD1 . ASP A 1 41 ? -7.738  -9.646  -3.346  1.00 45.75  ? 38  ASP X OD1 1 
ATOM   305 O  OD2 . ASP A 1 41 ? -6.810  -11.629 -3.494  1.00 55.88  ? 38  ASP X OD2 1 
HETATM 306 N  N   . MSE A 1 42 ? -7.017  -9.240  1.700   1.00 58.98  ? 39  MSE X N   1 
HETATM 307 C  CA  . MSE A 1 42 ? -7.122  -9.830  3.070   1.00 65.43  ? 39  MSE X CA  1 
HETATM 308 C  C   . MSE A 1 42 ? -6.666  -11.314 3.339   1.00 65.57  ? 39  MSE X C   1 
HETATM 309 O  O   . MSE A 1 42 ? -7.258  -12.289 2.820   1.00 65.84  ? 39  MSE X O   1 
HETATM 310 C  CB  . MSE A 1 42 ? -8.601  -9.736  3.485   1.00 67.87  ? 39  MSE X CB  1 
HETATM 311 C  CG  . MSE A 1 42 ? -8.844  -9.090  4.854   1.00 79.00  ? 39  MSE X CG  1 
HETATM 312 SE SE  . MSE A 1 42 ? -8.098  -7.239  4.935   1.00 105.18 ? 39  MSE X SE  1 
HETATM 313 C  CE  . MSE A 1 42 ? -9.196  -6.536  6.508   1.00 100.40 ? 39  MSE X CE  1 
ATOM   314 N  N   . ASP A 1 43 ? -5.687  -11.480 4.223   1.00 66.73  ? 40  ASP X N   1 
ATOM   315 C  CA  . ASP A 1 43 ? -4.941  -12.758 4.324   1.00 67.40  ? 40  ASP X CA  1 
ATOM   316 C  C   . ASP A 1 43 ? -4.897  -13.498 5.689   1.00 67.39  ? 40  ASP X C   1 
ATOM   317 O  O   . ASP A 1 43 ? -3.959  -14.288 5.980   1.00 66.83  ? 40  ASP X O   1 
ATOM   318 C  CB  . ASP A 1 43 ? -3.506  -12.487 3.877   1.00 67.75  ? 40  ASP X CB  1 
ATOM   319 C  CG  . ASP A 1 43 ? -3.283  -12.763 2.420   1.00 68.05  ? 40  ASP X CG  1 
ATOM   320 O  OD1 . ASP A 1 43 ? -4.280  -13.020 1.666   1.00 66.25  ? 40  ASP X OD1 1 
ATOM   321 O  OD2 . ASP A 1 43 ? -2.074  -12.730 2.067   1.00 66.68  ? 40  ASP X OD2 1 
ATOM   322 N  N   . ARG A 1 46 ? -1.381  -11.681 8.577   1.00 63.65  ? 43  ARG X N   1 
ATOM   323 C  CA  . ARG A 1 46 ? -0.996  -10.700 7.556   1.00 64.06  ? 43  ARG X CA  1 
ATOM   324 C  C   . ARG A 1 46 ? -1.143  -9.245  8.041   1.00 64.39  ? 43  ARG X C   1 
ATOM   325 O  O   . ARG A 1 46 ? -0.186  -8.488  7.996   1.00 64.75  ? 43  ARG X O   1 
ATOM   326 C  CB  . ARG A 1 46 ? -1.723  -10.942 6.213   1.00 63.58  ? 43  ARG X CB  1 
ATOM   327 C  CG  . ARG A 1 46 ? -3.024  -10.153 5.937   1.00 62.76  ? 43  ARG X CG  1 
ATOM   328 C  CD  . ARG A 1 46 ? -2.752  -8.847  5.132   1.00 65.05  ? 43  ARG X CD  1 
ATOM   329 N  NE  . ARG A 1 46 ? -1.584  -9.047  4.281   1.00 66.09  ? 43  ARG X NE  1 
ATOM   330 C  CZ  . ARG A 1 46 ? -1.574  -8.838  2.983   1.00 64.57  ? 43  ARG X CZ  1 
ATOM   331 N  NH1 . ARG A 1 46 ? -2.675  -8.381  2.437   1.00 63.20  ? 43  ARG X NH1 1 
ATOM   332 N  NH2 . ARG A 1 46 ? -0.484  -9.098  2.254   1.00 62.72  ? 43  ARG X NH2 1 
HETATM 333 N  N   . MSE A 1 47 ? -2.319  -8.850  8.521   1.00 64.94  ? 44  MSE X N   1 
HETATM 334 C  CA  . MSE A 1 47 ? -2.562  -7.428  8.834   1.00 65.46  ? 44  MSE X CA  1 
HETATM 335 C  C   . MSE A 1 47 ? -1.469  -6.884  9.739   1.00 63.67  ? 44  MSE X C   1 
HETATM 336 O  O   . MSE A 1 47 ? -0.837  -5.887  9.409   1.00 63.40  ? 44  MSE X O   1 
HETATM 337 C  CB  . MSE A 1 47 ? -3.949  -7.176  9.452   1.00 66.96  ? 44  MSE X CB  1 
HETATM 338 C  CG  . MSE A 1 47 ? -4.290  -5.686  9.644   1.00 73.94  ? 44  MSE X CG  1 
HETATM 339 SE SE  . MSE A 1 47 ? -4.381  -4.608  7.883   1.00 94.66  ? 44  MSE X SE  1 
HETATM 340 C  CE  . MSE A 1 47 ? -6.250  -3.745  8.043   1.00 89.14  ? 44  MSE X CE  1 
ATOM   341 N  N   . LYS A 1 48 ? -1.230  -7.571  10.854  1.00 61.75  ? 45  LYS X N   1 
ATOM   342 C  CA  . LYS A 1 48 ? -0.287  -7.123  11.869  1.00 59.00  ? 45  LYS X CA  1 
ATOM   343 C  C   . LYS A 1 48 ? 1.124   -6.988  11.295  1.00 56.26  ? 45  LYS X C   1 
ATOM   344 O  O   . LYS A 1 48 ? 1.854   -6.054  11.655  1.00 55.32  ? 45  LYS X O   1 
ATOM   345 C  CB  . LYS A 1 48 ? -0.325  -8.072  13.057  1.00 59.47  ? 45  LYS X CB  1 
ATOM   346 C  CG  . LYS A 1 48 ? 0.058   -7.419  14.378  1.00 62.21  ? 45  LYS X CG  1 
ATOM   347 C  CD  . LYS A 1 48 ? -0.780  -6.145  14.753  1.00 63.71  ? 45  LYS X CD  1 
ATOM   348 C  CE  . LYS A 1 48 ? -0.380  -5.667  16.179  1.00 64.04  ? 45  LYS X CE  1 
ATOM   349 N  NZ  . LYS A 1 48 ? -0.131  -6.874  17.097  1.00 63.83  ? 45  LYS X NZ  1 
ATOM   350 N  N   . ASP A 1 49 ? 1.472   -7.897  10.376  1.00 52.81  ? 46  ASP X N   1 
ATOM   351 C  CA  . ASP A 1 49 ? 2.739   -7.829  9.654   1.00 50.08  ? 46  ASP X CA  1 
ATOM   352 C  C   . ASP A 1 49 ? 2.858   -6.687  8.686   1.00 47.14  ? 46  ASP X C   1 
ATOM   353 O  O   . ASP A 1 49 ? 3.933   -6.089  8.593   1.00 46.03  ? 46  ASP X O   1 
ATOM   354 C  CB  . ASP A 1 49 ? 3.044   -9.122  8.935   1.00 50.49  ? 46  ASP X CB  1 
ATOM   355 C  CG  . ASP A 1 49 ? 3.652   -10.120 9.854   1.00 55.39  ? 46  ASP X CG  1 
ATOM   356 O  OD1 . ASP A 1 49 ? 4.127   -11.160 9.365   1.00 59.08  ? 46  ASP X OD1 1 
ATOM   357 O  OD2 . ASP A 1 49 ? 3.673   -9.859  11.089  1.00 59.42  ? 46  ASP X OD2 1 
ATOM   358 N  N   . LEU A 1 50 ? 1.762   -6.409  7.965   1.00 44.09  ? 47  LEU X N   1 
ATOM   359 C  CA  . LEU A 1 50 ? 1.647   -5.247  7.096   1.00 41.74  ? 47  LEU X CA  1 
ATOM   360 C  C   . LEU A 1 50 ? 1.951   -3.937  7.851   1.00 40.64  ? 47  LEU X C   1 
ATOM   361 O  O   . LEU A 1 50 ? 2.799   -3.149  7.434   1.00 40.05  ? 47  LEU X O   1 
ATOM   362 C  CB  . LEU A 1 50 ? 0.271   -5.179  6.411   1.00 40.78  ? 47  LEU X CB  1 
ATOM   363 C  CG  . LEU A 1 50 ? 0.059   -3.989  5.497   1.00 39.40  ? 47  LEU X CG  1 
ATOM   364 C  CD1 . LEU A 1 50 ? 1.086   -4.066  4.426   1.00 36.29  ? 47  LEU X CD1 1 
ATOM   365 C  CD2 . LEU A 1 50 ? -1.336  -4.039  4.877   1.00 40.30  ? 47  LEU X CD2 1 
ATOM   366 N  N   . VAL A 1 51 ? 1.281   -3.716  8.967   1.00 39.49  ? 48  VAL X N   1 
ATOM   367 C  CA  . VAL A 1 51 ? 1.501   -2.514  9.720   1.00 39.45  ? 48  VAL X CA  1 
ATOM   368 C  C   . VAL A 1 51 ? 2.935   -2.444  10.224  1.00 39.15  ? 48  VAL X C   1 
ATOM   369 O  O   . VAL A 1 51 ? 3.561   -1.383  10.112  1.00 39.71  ? 48  VAL X O   1 
ATOM   370 C  CB  . VAL A 1 51 ? 0.468   -2.391  10.857  1.00 39.83  ? 48  VAL X CB  1 
ATOM   371 C  CG1 . VAL A 1 51 ? 0.786   -1.247  11.794  1.00 40.72  ? 48  VAL X CG1 1 
ATOM   372 C  CG2 . VAL A 1 51 ? -0.945  -2.214  10.263  1.00 39.77  ? 48  VAL X CG2 1 
ATOM   373 N  N   . ARG A 1 52 ? 3.472   -3.554  10.740  1.00 39.26  ? 49  ARG X N   1 
ATOM   374 C  CA  . ARG A 1 52 ? 4.851   -3.570  11.247  1.00 38.98  ? 49  ARG X CA  1 
ATOM   375 C  C   . ARG A 1 52 ? 5.802   -3.226  10.094  1.00 38.12  ? 49  ARG X C   1 
ATOM   376 O  O   . ARG A 1 52 ? 6.652   -2.361  10.214  1.00 39.35  ? 49  ARG X O   1 
ATOM   377 C  CB  . ARG A 1 52 ? 5.190   -4.910  11.906  1.00 39.97  ? 49  ARG X CB  1 
ATOM   378 C  CG  . ARG A 1 52 ? 5.830   -4.813  13.327  1.00 42.87  ? 49  ARG X CG  1 
ATOM   379 C  CD  . ARG A 1 52 ? 6.936   -5.888  13.580  1.00 48.37  ? 49  ARG X CD  1 
ATOM   380 N  NE  . ARG A 1 52 ? 6.939   -7.082  12.668  1.00 49.64  ? 49  ARG X NE  1 
ATOM   381 C  CZ  . ARG A 1 52 ? 7.710   -8.187  12.833  1.00 49.37  ? 49  ARG X CZ  1 
ATOM   382 N  NH1 . ARG A 1 52 ? 7.625   -9.186  11.956  0.50 47.24  ? 49  ARG X NH1 1 
ATOM   383 N  NH2 . ARG A 1 52 ? 8.571   -8.301  13.876  1.00 46.88  ? 49  ARG X NH2 1 
ATOM   384 N  N   . VAL A 1 53 ? 5.635   -3.831  8.936   1.00 37.08  ? 50  VAL X N   1 
ATOM   385 C  CA  . VAL A 1 53 ? 6.490   -3.494  7.800   1.00 35.38  ? 50  VAL X CA  1 
ATOM   386 C  C   . VAL A 1 53 ? 6.482   -2.021  7.448   1.00 35.53  ? 50  VAL X C   1 
ATOM   387 O  O   . VAL A 1 53 ? 7.535   -1.395  7.282   1.00 36.67  ? 50  VAL X O   1 
ATOM   388 C  CB  . VAL A 1 53 ? 6.055   -4.280  6.557   1.00 36.17  ? 50  VAL X CB  1 
ATOM   389 C  CG1 . VAL A 1 53 ? 6.506   -3.599  5.206   1.00 36.82  ? 50  VAL X CG1 1 
ATOM   390 C  CG2 . VAL A 1 53 ? 6.472   -5.734  6.685   1.00 35.23  ? 50  VAL X CG2 1 
ATOM   391 N  N   . VAL A 1 54 ? 5.292   -1.452  7.303   1.00 33.57  ? 51  VAL X N   1 
ATOM   392 C  CA  . VAL A 1 54 ? 5.213   -0.076  6.944   1.00 32.05  ? 51  VAL X CA  1 
ATOM   393 C  C   . VAL A 1 54 ? 5.898   0.763   8.005   1.00 31.05  ? 51  VAL X C   1 
ATOM   394 O  O   . VAL A 1 54 ? 6.726   1.581   7.690   1.00 30.84  ? 51  VAL X O   1 
ATOM   395 C  CB  . VAL A 1 54 ? 3.737   0.336   6.761   1.00 31.67  ? 51  VAL X CB  1 
ATOM   396 C  CG1 . VAL A 1 54 ? 3.647   1.841   6.640   1.00 33.46  ? 51  VAL X CG1 1 
ATOM   397 C  CG2 . VAL A 1 54 ? 3.133   -0.353  5.530   1.00 30.61  ? 51  VAL X CG2 1 
ATOM   398 N  N   . LYS A 1 55 ? 5.569   0.553   9.278   1.00 31.38  ? 52  LYS X N   1 
ATOM   399 C  CA  . LYS A 1 55 ? 6.180   1.382   10.360  1.00 32.81  ? 52  LYS X CA  1 
ATOM   400 C  C   . LYS A 1 55 ? 7.735   1.329   10.401  1.00 32.65  ? 52  LYS X C   1 
ATOM   401 O  O   . LYS A 1 55 ? 8.411   2.344   10.697  1.00 32.79  ? 52  LYS X O   1 
ATOM   402 C  CB  . LYS A 1 55 ? 5.640   1.013   11.750  1.00 33.32  ? 52  LYS X CB  1 
ATOM   403 C  CG  . LYS A 1 55 ? 4.162   1.339   12.036  1.00 38.92  ? 52  LYS X CG  1 
ATOM   404 C  CD  . LYS A 1 55 ? 3.823   0.991   13.515  1.00 45.87  ? 52  LYS X CD  1 
ATOM   405 C  CE  . LYS A 1 55 ? 2.365   1.366   13.804  1.00 52.76  ? 52  LYS X CE  1 
ATOM   406 N  NZ  . LYS A 1 55 ? 2.134   2.847   14.110  1.00 57.46  ? 52  LYS X NZ  1 
ATOM   407 N  N   . LEU A 1 56 ? 8.294   0.158   10.104  1.00 31.60  ? 53  LEU X N   1 
ATOM   408 C  CA  . LEU A 1 56 ? 9.739   -0.033  10.216  1.00 30.57  ? 53  LEU X CA  1 
ATOM   409 C  C   . LEU A 1 56 ? 10.420  0.679   9.061   1.00 30.95  ? 53  LEU X C   1 
ATOM   410 O  O   . LEU A 1 56 ? 11.531  1.179   9.221   1.00 31.32  ? 53  LEU X O   1 
ATOM   411 C  CB  . LEU A 1 56 ? 10.077  -1.510  10.244  1.00 29.53  ? 53  LEU X CB  1 
ATOM   412 C  CG  . LEU A 1 56 ? 9.668   -2.346  11.479  1.00 30.85  ? 53  LEU X CG  1 
ATOM   413 C  CD1 . LEU A 1 56 ? 9.934   -3.848  11.362  1.00 29.14  ? 53  LEU X CD1 1 
ATOM   414 C  CD2 . LEU A 1 56 ? 10.358  -1.889  12.746  1.00 32.27  ? 53  LEU X CD2 1 
ATOM   415 N  N   . ILE A 1 57 ? 9.746   0.789   7.919   1.00 30.68  ? 54  ILE X N   1 
ATOM   416 C  CA  . ILE A 1 57 ? 10.396  1.337   6.732   1.00 30.74  ? 54  ILE X CA  1 
ATOM   417 C  C   . ILE A 1 57 ? 10.256  2.856   6.625   1.00 31.94  ? 54  ILE X C   1 
ATOM   418 O  O   . ILE A 1 57 ? 11.189  3.542   6.256   1.00 30.82  ? 54  ILE X O   1 
ATOM   419 C  CB  . ILE A 1 57 ? 9.848   0.688   5.400   1.00 31.05  ? 54  ILE X CB  1 
ATOM   420 C  CG1 . ILE A 1 57 ? 10.328  -0.765  5.289   1.00 29.61  ? 54  ILE X CG1 1 
ATOM   421 C  CG2 . ILE A 1 57 ? 10.338  1.503   4.131   1.00 27.29  ? 54  ILE X CG2 1 
ATOM   422 C  CD1 . ILE A 1 57 ? 9.527   -1.560  4.251   1.00 26.03  ? 54  ILE X CD1 1 
ATOM   423 N  N   . VAL A 1 58 ? 9.059   3.379   6.860   1.00 32.94  ? 55  VAL X N   1 
ATOM   424 C  CA  . VAL A 1 58 ? 8.871   4.783   6.581   1.00 34.88  ? 55  VAL X CA  1 
ATOM   425 C  C   . VAL A 1 58 ? 9.342   5.606   7.782   1.00 37.50  ? 55  VAL X C   1 
ATOM   426 O  O   . VAL A 1 58 ? 9.415   5.071   8.912   1.00 37.94  ? 55  VAL X O   1 
ATOM   427 C  CB  . VAL A 1 58 ? 7.387   5.106   6.266   1.00 35.30  ? 55  VAL X CB  1 
ATOM   428 C  CG1 . VAL A 1 58 ? 6.905   4.199   5.088   1.00 32.96  ? 55  VAL X CG1 1 
ATOM   429 C  CG2 . VAL A 1 58 ? 6.516   4.999   7.533   1.00 29.83  ? 55  VAL X CG2 1 
ATOM   430 N  N   . ASP A 1 59 ? 9.642   6.893   7.537   1.00 39.30  ? 56  ASP X N   1 
ATOM   431 C  CA  . ASP A 1 59 ? 9.875   7.887   8.613   1.00 40.40  ? 56  ASP X CA  1 
ATOM   432 C  C   . ASP A 1 59 ? 8.526   8.348   9.106   1.00 41.01  ? 56  ASP X C   1 
ATOM   433 O  O   . ASP A 1 59 ? 7.848   9.087   8.465   1.00 39.63  ? 56  ASP X O   1 
ATOM   434 C  CB  . ASP A 1 59 ? 10.669  9.075   8.074   1.00 40.28  ? 56  ASP X CB  1 
ATOM   435 C  CG  . ASP A 1 59 ? 10.932  10.170  9.127   1.00 41.89  ? 56  ASP X CG  1 
ATOM   436 O  OD1 . ASP A 1 59 ? 10.155  10.376  10.128  1.00 41.35  ? 56  ASP X OD1 1 
ATOM   437 O  OD2 . ASP A 1 59 ? 11.940  10.874  8.889   1.00 39.94  ? 56  ASP X OD2 1 
ATOM   438 N  N   . THR A 1 60 ? 8.164   7.909   10.283  1.00 43.88  ? 57  THR X N   1 
ATOM   439 C  CA  . THR A 1 60 ? 6.899   8.251   10.926  1.00 47.48  ? 57  THR X CA  1 
ATOM   440 C  C   . THR A 1 60 ? 6.651   9.714   11.356  1.00 47.88  ? 57  THR X C   1 
ATOM   441 O  O   . THR A 1 60 ? 5.502   10.105  11.666  1.00 48.81  ? 57  THR X O   1 
ATOM   442 C  CB  . THR A 1 60 ? 6.795   7.316   12.077  1.00 48.55  ? 57  THR X CB  1 
ATOM   443 O  OG1 . THR A 1 60 ? 6.287   6.100   11.524  1.00 53.56  ? 57  THR X OG1 1 
ATOM   444 C  CG2 . THR A 1 60 ? 5.915   7.840   13.258  1.00 53.11  ? 57  THR X CG2 1 
ATOM   445 N  N   . ASN A 1 61 ? 7.691   10.547  11.333  1.00 48.06  ? 58  ASN X N   1 
ATOM   446 C  CA  . ASN A 1 61 ? 7.463   11.950  11.631  1.00 48.81  ? 58  ASN X CA  1 
ATOM   447 C  C   . ASN A 1 61 ? 7.159   12.743  10.418  1.00 47.99  ? 58  ASN X C   1 
ATOM   448 O  O   . ASN A 1 61 ? 6.699   13.853  10.557  1.00 50.09  ? 58  ASN X O   1 
ATOM   449 C  CB  . ASN A 1 61 ? 8.677   12.551  12.307  1.00 49.59  ? 58  ASN X CB  1 
ATOM   450 C  CG  . ASN A 1 61 ? 9.049   11.780  13.525  1.00 52.11  ? 58  ASN X CG  1 
ATOM   451 O  OD1 . ASN A 1 61 ? 10.079  11.090  13.531  1.00 54.58  ? 58  ASN X OD1 1 
ATOM   452 N  ND2 . ASN A 1 61 ? 8.154   11.787  14.543  1.00 53.57  ? 58  ASN X ND2 1 
ATOM   453 N  N   . THR A 1 62 ? 7.412   12.152  9.252   1.00 45.93  ? 59  THR X N   1 
ATOM   454 C  CA  . THR A 1 62 ? 7.543   12.809  7.945   1.00 43.31  ? 59  THR X CA  1 
ATOM   455 C  C   . THR A 1 62 ? 6.621   12.209  6.923   1.00 41.03  ? 59  THR X C   1 
ATOM   456 O  O   . THR A 1 62 ? 6.144   12.927  6.069   1.00 40.22  ? 59  THR X O   1 
ATOM   457 C  CB  . THR A 1 62 ? 8.975   12.532  7.374   1.00 44.26  ? 59  THR X CB  1 
ATOM   458 O  OG1 . THR A 1 62 ? 9.915   13.252  8.155   1.00 46.25  ? 59  THR X OG1 1 
ATOM   459 C  CG2 . THR A 1 62 ? 9.160   12.829  5.831   1.00 42.09  ? 59  THR X CG2 1 
ATOM   460 N  N   . ASP A 1 63 ? 6.500   10.877  6.935   1.00 37.94  ? 60  ASP X N   1 
ATOM   461 C  CA  . ASP A 1 63 ? 5.776   10.152  5.896   1.00 36.48  ? 60  ASP X CA  1 
ATOM   462 C  C   . ASP A 1 63 ? 4.364   9.896   6.343   1.00 35.08  ? 60  ASP X C   1 
ATOM   463 O  O   . ASP A 1 63 ? 4.080   10.104  7.558   1.00 34.84  ? 60  ASP X O   1 
ATOM   464 C  CB  . ASP A 1 63 ? 6.516   8.891   5.497   1.00 35.05  ? 60  ASP X CB  1 
ATOM   465 C  CG  . ASP A 1 63 ? 7.867   9.222   4.938   1.00 37.60  ? 60  ASP X CG  1 
ATOM   466 O  OD1 . ASP A 1 63 ? 8.011   10.409  4.472   1.00 41.15  ? 60  ASP X OD1 1 
ATOM   467 O  OD2 . ASP A 1 63 ? 8.791   8.356   4.980   1.00 35.35  ? 60  ASP X OD2 1 
ATOM   468 N  N   . ILE A 1 64 ? 3.503   9.527   5.381   1.00 32.09  ? 61  ILE X N   1 
ATOM   469 C  CA  . ILE A 1 64 ? 2.096   9.204   5.634   1.00 31.12  ? 61  ILE X CA  1 
ATOM   470 C  C   . ILE A 1 64 ? 1.787   7.984   4.813   1.00 30.74  ? 61  ILE X C   1 
ATOM   471 O  O   . ILE A 1 64 ? 2.126   7.941   3.643   1.00 30.61  ? 61  ILE X O   1 
ATOM   472 C  CB  . ILE A 1 64 ? 1.092   10.284  5.184   1.00 30.96  ? 61  ILE X CB  1 
ATOM   473 C  CG1 . ILE A 1 64 ? 1.435   11.642  5.763   1.00 33.54  ? 61  ILE X CG1 1 
ATOM   474 C  CG2 . ILE A 1 64 ? -0.286  9.982   5.746   1.00 28.41  ? 61  ILE X CG2 1 
ATOM   475 C  CD1 . ILE A 1 64 ? 0.974   12.827  4.862   1.00 40.15  ? 61  ILE X CD1 1 
ATOM   476 N  N   . VAL A 1 65 ? 1.120   6.995   5.414   1.00 30.20  ? 62  VAL X N   1 
ATOM   477 C  CA  . VAL A 1 65 ? 0.665   5.806   4.752   1.00 28.75  ? 62  VAL X CA  1 
ATOM   478 C  C   . VAL A 1 65 ? -0.757  5.546   5.209   1.00 28.94  ? 62  VAL X C   1 
ATOM   479 O  O   . VAL A 1 65 ? -1.059  5.581   6.413   1.00 29.28  ? 62  VAL X O   1 
ATOM   480 C  CB  . VAL A 1 65 ? 1.539   4.593   5.097   1.00 29.60  ? 62  VAL X CB  1 
ATOM   481 C  CG1 . VAL A 1 65 ? 1.036   3.358   4.300   1.00 28.30  ? 62  VAL X CG1 1 
ATOM   482 C  CG2 . VAL A 1 65 ? 3.013   4.810   4.644   1.00 28.98  ? 62  VAL X CG2 1 
ATOM   483 N  N   . HIS A 1 66 ? -1.651  5.297   4.267   1.00 27.31  ? 63  HIS X N   1 
ATOM   484 C  CA  . HIS A 1 66 ? -2.996  4.936   4.601   1.00 25.82  ? 63  HIS X CA  1 
ATOM   485 C  C   . HIS A 1 66 ? -3.228  3.491   4.252   1.00 26.60  ? 63  HIS X C   1 
ATOM   486 O  O   . HIS A 1 66 ? -2.861  3.037   3.172   1.00 26.90  ? 63  HIS X O   1 
ATOM   487 C  CB  . HIS A 1 66 ? -3.894  5.714   3.723   1.00 25.67  ? 63  HIS X CB  1 
ATOM   488 C  CG  . HIS A 1 66 ? -4.204  7.038   4.274   1.00 24.56  ? 63  HIS X CG  1 
ATOM   489 N  ND1 . HIS A 1 66 ? -3.287  8.067   4.252   1.00 23.99  ? 63  HIS X ND1 1 
ATOM   490 C  CD2 . HIS A 1 66 ? -5.300  7.504   4.929   1.00 24.51  ? 63  HIS X CD2 1 
ATOM   491 C  CE1 . HIS A 1 66 ? -3.795  9.112   4.898   1.00 28.56  ? 63  HIS X CE1 1 
ATOM   492 N  NE2 . HIS A 1 66 ? -5.017  8.802   5.309   1.00 25.52  ? 63  HIS X NE2 1 
ATOM   493 N  N   . ILE A 1 67 ? -3.746  2.726   5.199   1.00 25.65  ? 64  ILE X N   1 
ATOM   494 C  CA  . ILE A 1 67 ? -4.080  1.342   4.931   1.00 25.31  ? 64  ILE X CA  1 
ATOM   495 C  C   . ILE A 1 67 ? -5.580  1.269   5.102   1.00 26.92  ? 64  ILE X C   1 
ATOM   496 O  O   . ILE A 1 67 ? -6.116  1.518   6.204   1.00 25.31  ? 64  ILE X O   1 
ATOM   497 C  CB  . ILE A 1 67 ? -3.439  0.409   5.913   1.00 26.85  ? 64  ILE X CB  1 
ATOM   498 C  CG1 . ILE A 1 67 ? -1.890  0.538   5.859   1.00 24.23  ? 64  ILE X CG1 1 
ATOM   499 C  CG2 . ILE A 1 67 ? -4.009  -1.056  5.702   1.00 24.60  ? 64  ILE X CG2 1 
ATOM   500 C  CD1 . ILE A 1 67 ? -1.202  -0.105  7.093   1.00 25.47  ? 64  ILE X CD1 1 
ATOM   501 N  N   . ILE A 1 68 ? -6.245  1.009   3.981   1.00 28.09  ? 65  ILE X N   1 
ATOM   502 C  CA  . ILE A 1 68 ? -7.676  1.229   3.854   1.00 29.81  ? 65  ILE X CA  1 
ATOM   503 C  C   . ILE A 1 68 ? -8.364  -0.061  3.422   1.00 30.05  ? 65  ILE X C   1 
ATOM   504 O  O   . ILE A 1 68 ? -8.060  -0.555  2.354   1.00 30.47  ? 65  ILE X O   1 
ATOM   505 C  CB  . ILE A 1 68 ? -7.966  2.267   2.780   1.00 30.90  ? 65  ILE X CB  1 
ATOM   506 C  CG1 . ILE A 1 68 ? -7.328  3.622   3.176   1.00 31.02  ? 65  ILE X CG1 1 
ATOM   507 C  CG2 . ILE A 1 68 ? -9.505  2.482   2.670   1.00 30.44  ? 65  ILE X CG2 1 
ATOM   508 C  CD1 . ILE A 1 68 ? -7.266  4.585   2.058   1.00 28.89  ? 65  ILE X CD1 1 
ATOM   509 N  N   . PRO A 1 69 ? -9.278  -0.616  4.260   1.00 29.54  ? 66  PRO X N   1 
ATOM   510 C  CA  . PRO A 1 69 ? -10.061 -1.816  3.852   1.00 29.89  ? 66  PRO X CA  1 
ATOM   511 C  C   . PRO A 1 69 ? -11.183 -1.427  2.898   1.00 31.53  ? 66  PRO X C   1 
ATOM   512 O  O   . PRO A 1 69 ? -11.749 -0.348  3.064   1.00 32.38  ? 66  PRO X O   1 
ATOM   513 C  CB  . PRO A 1 69 ? -10.684 -2.300  5.188   1.00 29.99  ? 66  PRO X CB  1 
ATOM   514 C  CG  . PRO A 1 69 ? -10.812 -0.975  6.027   1.00 27.76  ? 66  PRO X CG  1 
ATOM   515 C  CD  . PRO A 1 69 ? -9.627  -0.125  5.620   1.00 28.14  ? 66  PRO X CD  1 
ATOM   516 N  N   . LEU A 1 70 ? -11.470 -2.220  1.867   1.00 31.35  ? 67  LEU X N   1 
ATOM   517 C  CA  . LEU A 1 70 ? -12.696 -2.025  1.141   1.00 32.28  ? 67  LEU X CA  1 
ATOM   518 C  C   . LEU A 1 70 ? -13.308 -3.307  0.689   1.00 29.96  ? 67  LEU X C   1 
ATOM   519 O  O   . LEU A 1 70 ? -12.651 -4.307  0.728   1.00 27.75  ? 67  LEU X O   1 
ATOM   520 C  CB  . LEU A 1 70 ? -12.513 -1.100  -0.011  1.00 34.53  ? 67  LEU X CB  1 
ATOM   521 C  CG  . LEU A 1 70 ? -11.470 -1.387  -1.036  1.00 40.93  ? 67  LEU X CG  1 
ATOM   522 C  CD1 . LEU A 1 70 ? -11.570 -0.195  -1.914  1.00 43.45  ? 67  LEU X CD1 1 
ATOM   523 C  CD2 . LEU A 1 70 ? -10.170 -1.445  -0.358  1.00 45.75  ? 67  LEU X CD2 1 
ATOM   524 N  N   . GLY A 1 71 ? -14.590 -3.296  0.380   1.00 28.52  ? 68  GLY X N   1 
ATOM   525 C  CA  . GLY A 1 71 ? -15.263 -4.521  -0.053  1.00 27.46  ? 68  GLY X CA  1 
ATOM   526 C  C   . GLY A 1 71 ? -14.848 -4.752  -1.503  1.00 27.78  ? 68  GLY X C   1 
ATOM   527 O  O   . GLY A 1 71 ? -14.492 -3.831  -2.263  1.00 27.28  ? 68  GLY X O   1 
ATOM   528 N  N   . ILE A 1 72 ? -14.889 -5.990  -1.904  1.00 27.71  ? 69  ILE X N   1 
ATOM   529 C  CA  . ILE A 1 72 ? -14.570 -6.375  -3.258  1.00 28.72  ? 69  ILE X CA  1 
ATOM   530 C  C   . ILE A 1 72 ? -15.411 -5.584  -4.281  1.00 28.00  ? 69  ILE X C   1 
ATOM   531 O  O   . ILE A 1 72 ? -14.876 -5.154  -5.301  1.00 29.05  ? 69  ILE X O   1 
ATOM   532 C  CB  . ILE A 1 72 ? -14.714 -7.947  -3.395  1.00 29.31  ? 69  ILE X CB  1 
ATOM   533 C  CG1 . ILE A 1 72 ? -14.410 -8.421  -4.824  1.00 31.97  ? 69  ILE X CG1 1 
ATOM   534 C  CG2 . ILE A 1 72 ? -16.092 -8.411  -3.012  1.00 33.39  ? 69  ILE X CG2 1 
ATOM   535 C  CD1 . ILE A 1 72 ? -12.907 -7.956  -5.324  1.00 38.76  ? 69  ILE X CD1 1 
ATOM   536 N  N   . ARG A 1 73 ? -16.718 -5.400  -4.040  1.00 27.20  ? 70  ARG X N   1 
ATOM   537 C  CA  . ARG A 1 73 ? -17.569 -4.733  -5.014  1.00 26.53  ? 70  ARG X CA  1 
ATOM   538 C  C   . ARG A 1 73 ? -17.218 -3.250  -5.126  1.00 27.29  ? 70  ARG X C   1 
ATOM   539 O  O   . ARG A 1 73 ? -17.304 -2.718  -6.210  1.00 26.41  ? 70  ARG X O   1 
ATOM   540 C  CB  . ARG A 1 73 ? -19.063 -4.935  -4.729  1.00 25.12  ? 70  ARG X CB  1 
ATOM   541 C  CG  . ARG A 1 73 ? -19.505 -6.361  -4.968  1.00 25.47  ? 70  ARG X CG  1 
ATOM   542 C  CD  . ARG A 1 73 ? -19.461 -6.787  -6.486  1.00 23.33  ? 70  ARG X CD  1 
ATOM   543 N  NE  . ARG A 1 73 ? -20.340 -5.953  -7.327  1.00 20.82  ? 70  ARG X NE  1 
ATOM   544 C  CZ  . ARG A 1 73 ? -19.970 -5.285  -8.419  1.00 22.46  ? 70  ARG X CZ  1 
ATOM   545 N  NH1 . ARG A 1 73 ? -20.867 -4.561  -9.044  1.00 20.53  ? 70  ARG X NH1 1 
ATOM   546 N  NH2 . ARG A 1 73 ? -18.721 -5.335  -8.893  1.00 21.76  ? 70  ARG X NH2 1 
ATOM   547 N  N   . ASP A 1 74 ? -16.826 -2.594  -4.025  1.00 28.14  ? 71  ASP X N   1 
ATOM   548 C  CA  . ASP A 1 74 ? -16.355 -1.202  -4.101  1.00 29.91  ? 71  ASP X CA  1 
ATOM   549 C  C   . ASP A 1 74 ? -15.084 -1.111  -4.934  1.00 30.43  ? 71  ASP X C   1 
ATOM   550 O  O   . ASP A 1 74 ? -14.909 -0.184  -5.715  1.00 31.05  ? 71  ASP X O   1 
ATOM   551 C  CB  . ASP A 1 74 ? -15.920 -0.649  -2.718  1.00 31.08  ? 71  ASP X CB  1 
ATOM   552 C  CG  . ASP A 1 74 ? -17.020 -0.701  -1.674  1.00 39.72  ? 71  ASP X CG  1 
ATOM   553 O  OD1 . ASP A 1 74 ? -18.198 -0.362  -2.066  1.00 43.36  ? 71  ASP X OD1 1 
ATOM   554 O  OD2 . ASP A 1 74 ? -16.682 -1.084  -0.446  1.00 50.99  ? 71  ASP X OD2 1 
ATOM   555 N  N   . TRP A 1 75 ? -14.146 -2.031  -4.754  1.00 29.85  ? 72  TRP X N   1 
ATOM   556 C  CA  . TRP A 1 75 ? -12.932 -1.995  -5.573  1.00 29.22  ? 72  TRP X CA  1 
ATOM   557 C  C   . TRP A 1 75 ? -13.267 -2.209  -7.078  1.00 29.48  ? 72  TRP X C   1 
ATOM   558 O  O   . TRP A 1 75 ? -12.803 -1.505  -8.007  1.00 29.34  ? 72  TRP X O   1 
ATOM   559 C  CB  . TRP A 1 75 ? -12.046 -3.116  -5.089  1.00 29.63  ? 72  TRP X CB  1 
ATOM   560 C  CG  . TRP A 1 75 ? -10.880 -3.316  -5.988  1.00 32.44  ? 72  TRP X CG  1 
ATOM   561 C  CD1 . TRP A 1 75 ? -10.592 -4.431  -6.737  1.00 32.56  ? 72  TRP X CD1 1 
ATOM   562 C  CD2 . TRP A 1 75 ? -9.844  -2.364  -6.253  1.00 31.01  ? 72  TRP X CD2 1 
ATOM   563 N  NE1 . TRP A 1 75 ? -9.413  -4.223  -7.459  1.00 32.17  ? 72  TRP X NE1 1 
ATOM   564 C  CE2 . TRP A 1 75 ? -8.938  -2.969  -7.170  1.00 31.92  ? 72  TRP X CE2 1 
ATOM   565 C  CE3 . TRP A 1 75 ? -9.612  -1.035  -5.829  1.00 32.06  ? 72  TRP X CE3 1 
ATOM   566 C  CZ2 . TRP A 1 75 ? -7.825  -2.299  -7.668  1.00 32.15  ? 72  TRP X CZ2 1 
ATOM   567 C  CZ3 . TRP A 1 75 ? -8.487  -0.371  -6.300  1.00 31.12  ? 72  TRP X CZ3 1 
ATOM   568 C  CH2 . TRP A 1 75 ? -7.620  -0.996  -7.227  1.00 31.97  ? 72  TRP X CH2 1 
ATOM   569 N  N   . GLU A 1 76 ? -14.104 -3.218  -7.320  1.00 28.10  ? 73  GLU X N   1 
ATOM   570 C  CA  . GLU A 1 76 ? -14.563 -3.521  -8.688  1.00 26.51  ? 73  GLU X CA  1 
ATOM   571 C  C   . GLU A 1 76 ? -15.206 -2.326  -9.381  1.00 26.90  ? 73  GLU X C   1 
ATOM   572 O  O   . GLU A 1 76 ? -15.028 -2.136  -10.540 1.00 28.03  ? 73  GLU X O   1 
ATOM   573 C  CB  . GLU A 1 76 ? -15.518 -4.728  -8.666  1.00 24.20  ? 73  GLU X CB  1 
ATOM   574 C  CG  . GLU A 1 76 ? -14.680 -5.934  -8.460  1.00 25.02  ? 73  GLU X CG  1 
ATOM   575 C  CD  . GLU A 1 76 ? -15.459 -7.228  -8.487  1.00 32.44  ? 73  GLU X CD  1 
ATOM   576 O  OE1 . GLU A 1 76 ? -16.711 -7.216  -8.319  1.00 32.97  ? 73  GLU X OE1 1 
ATOM   577 O  OE2 . GLU A 1 76 ? -14.807 -8.291  -8.692  1.00 38.08  ? 73  GLU X OE2 1 
ATOM   578 N  N   . ARG A 1 77 ? -15.958 -1.528  -8.663  1.00 26.19  ? 74  ARG X N   1 
ATOM   579 C  CA  . ARG A 1 77 ? -16.620 -0.429  -9.266  1.00 27.87  ? 74  ARG X CA  1 
ATOM   580 C  C   . ARG A 1 77 ? -15.785 0.823   -9.259  1.00 27.91  ? 74  ARG X C   1 
ATOM   581 O  O   . ARG A 1 77 ? -16.294 1.849   -9.556  1.00 28.92  ? 74  ARG X O   1 
ATOM   582 C  CB  . ARG A 1 77 ? -17.926 -0.135  -8.542  1.00 26.05  ? 74  ARG X CB  1 
ATOM   583 C  CG  . ARG A 1 77 ? -18.915 -1.314  -8.615  1.00 27.99  ? 74  ARG X CG  1 
ATOM   584 C  CD  . ARG A 1 77 ? -20.389 -0.832  -8.559  1.00 26.13  ? 74  ARG X CD  1 
ATOM   585 N  NE  . ARG A 1 77 ? -20.731 -0.372  -9.926  1.00 31.29  ? 74  ARG X NE  1 
ATOM   586 C  CZ  . ARG A 1 77 ? -21.048 0.897   -10.285 1.00 30.76  ? 74  ARG X CZ  1 
ATOM   587 N  NH1 . ARG A 1 77 ? -21.290 1.165   -11.546 1.00 28.31  ? 74  ARG X NH1 1 
ATOM   588 N  NH2 . ARG A 1 77 ? -21.184 1.872   -9.410  1.00 28.51  ? 74  ARG X NH2 1 
ATOM   589 N  N   . ARG A 1 78 ? -14.508 0.761   -8.946  1.00 28.55  ? 75  ARG X N   1 
ATOM   590 C  CA  . ARG A 1 78 ? -13.652 1.936   -9.131  1.00 28.20  ? 75  ARG X CA  1 
ATOM   591 C  C   . ARG A 1 78 ? -13.713 2.386   -10.609 1.00 28.57  ? 75  ARG X C   1 
ATOM   592 O  O   . ARG A 1 78 ? -14.121 1.642   -11.489 1.00 26.54  ? 75  ARG X O   1 
ATOM   593 C  CB  . ARG A 1 78 ? -12.207 1.509   -8.833  1.00 26.76  ? 75  ARG X CB  1 
ATOM   594 C  CG  . ARG A 1 78 ? -11.659 0.569   -9.912  1.00 28.36  ? 75  ARG X CG  1 
ATOM   595 C  CD  . ARG A 1 78 ? -10.303 -0.021  -9.485  1.00 27.61  ? 75  ARG X CD  1 
ATOM   596 N  NE  . ARG A 1 78 ? -9.731  -0.950  -10.429 1.00 25.72  ? 75  ARG X NE  1 
ATOM   597 C  CZ  . ARG A 1 78 ? -10.126 -2.225  -10.532 1.00 35.28  ? 75  ARG X CZ  1 
ATOM   598 N  NH1 . ARG A 1 78 ? -9.502  -3.049  -11.390 1.00 30.33  ? 75  ARG X NH1 1 
ATOM   599 N  NH2 . ARG A 1 78 ? -11.161 -2.677  -9.796  1.00 31.96  ? 75  ARG X NH2 1 
ATOM   600 N  N   . ILE A 1 79 ? -13.336 3.653   -10.861 1.00 30.64  ? 76  ILE X N   1 
ATOM   601 C  CA  . ILE A 1 79 ? -13.062 4.186   -12.171 1.00 30.14  ? 76  ILE X CA  1 
ATOM   602 C  C   . ILE A 1 79 ? -11.566 4.453   -12.274 1.00 31.52  ? 76  ILE X C   1 
ATOM   603 O  O   . ILE A 1 79 ? -11.013 5.104   -11.398 1.00 32.30  ? 76  ILE X O   1 
ATOM   604 C  CB  . ILE A 1 79 ? -13.782 5.492   -12.297 1.00 30.89  ? 76  ILE X CB  1 
ATOM   605 C  CG1 . ILE A 1 79 ? -15.282 5.229   -12.368 1.00 31.43  ? 76  ILE X CG1 1 
ATOM   606 C  CG2 . ILE A 1 79 ? -13.379 6.241   -13.600 1.00 30.46  ? 76  ILE X CG2 1 
ATOM   607 C  CD1 . ILE A 1 79 ? -16.129 6.515   -12.079 1.00 35.56  ? 76  ILE X CD1 1 
ATOM   608 N  N   . VAL A 1 80 ? -10.898 3.931   -13.295 1.00 30.94  ? 77  VAL X N   1 
ATOM   609 C  CA  . VAL A 1 80 ? -9.515  4.223   -13.467 1.00 32.84  ? 77  VAL X CA  1 
ATOM   610 C  C   . VAL A 1 80 ? -9.338  5.073   -14.723 1.00 33.99  ? 77  VAL X C   1 
ATOM   611 O  O   . VAL A 1 80 ? -9.770  4.728   -15.838 1.00 35.71  ? 77  VAL X O   1 
ATOM   612 C  CB  . VAL A 1 80 ? -8.751  2.927   -13.687 1.00 34.21  ? 77  VAL X CB  1 
ATOM   613 C  CG1 . VAL A 1 80 ? -7.223  3.161   -13.608 1.00 30.90  ? 77  VAL X CG1 1 
ATOM   614 C  CG2 . VAL A 1 80 ? -9.209  1.868   -12.651 1.00 34.73  ? 77  VAL X CG2 1 
ATOM   615 N  N   . ILE A 1 81 ? -8.703  6.198   -14.572 1.00 34.13  ? 78  ILE X N   1 
ATOM   616 C  CA  . ILE A 1 81 ? -8.415  7.050   -15.703 1.00 33.31  ? 78  ILE X CA  1 
ATOM   617 C  C   . ILE A 1 81 ? -6.960  6.899   -16.036 1.00 34.62  ? 78  ILE X C   1 
ATOM   618 O  O   . ILE A 1 81 ? -6.134  6.904   -15.149 1.00 32.21  ? 78  ILE X O   1 
ATOM   619 C  CB  . ILE A 1 81 ? -8.813  8.497   -15.341 1.00 33.06  ? 78  ILE X CB  1 
ATOM   620 C  CG1 . ILE A 1 81 ? -10.343 8.536   -15.349 1.00 34.47  ? 78  ILE X CG1 1 
ATOM   621 C  CG2 . ILE A 1 81 ? -8.238  9.546   -16.288 1.00 30.72  ? 78  ILE X CG2 1 
ATOM   622 C  CD1 . ILE A 1 81 ? -10.826 9.424   -14.357 1.00 40.29  ? 78  ILE X CD1 1 
ATOM   623 N  N   . GLY A 1 82 ? -6.663  6.755   -17.324 1.00 37.89  ? 79  GLY X N   1 
ATOM   624 C  CA  . GLY A 1 82 ? -5.313  6.813   -17.864 1.00 44.04  ? 79  GLY X CA  1 
ATOM   625 C  C   . GLY A 1 82 ? -4.642  5.459   -18.036 1.00 49.76  ? 79  GLY X C   1 
ATOM   626 O  O   . GLY A 1 82 ? -5.277  4.396   -17.843 1.00 50.76  ? 79  GLY X O   1 
ATOM   627 N  N   . ARG A 1 83 ? -3.327  5.519   -18.298 1.00 54.24  ? 80  ARG X N   1 
ATOM   628 C  CA  . ARG A 1 83 ? -2.511  4.378   -18.760 1.00 58.25  ? 80  ARG X CA  1 
ATOM   629 C  C   . ARG A 1 83 ? -2.662  3.042   -17.976 1.00 58.28  ? 80  ARG X C   1 
ATOM   630 O  O   . ARG A 1 83 ? -3.221  3.004   -16.867 1.00 59.23  ? 80  ARG X O   1 
ATOM   631 C  CB  . ARG A 1 83 ? -1.034  4.819   -18.827 1.00 59.34  ? 80  ARG X CB  1 
ATOM   632 C  CG  . ARG A 1 83 ? -0.135  4.175   -20.004 1.00 65.12  ? 80  ARG X CG  1 
ATOM   633 C  CD  . ARG A 1 83 ? 1.397   3.994   -19.582 1.00 71.48  ? 80  ARG X CD  1 
ATOM   634 N  NE  . ARG A 1 83 ? 1.866   4.896   -18.494 1.00 77.45  ? 80  ARG X NE  1 
ATOM   635 C  CZ  . ARG A 1 83 ? 1.266   5.093   -17.289 1.00 80.85  ? 80  ARG X CZ  1 
ATOM   636 N  NH1 . ARG A 1 83 ? 0.127   4.477   -16.937 1.00 79.68  ? 80  ARG X NH1 1 
ATOM   637 N  NH2 . ARG A 1 83 ? 1.814   5.927   -16.392 1.00 83.99  ? 80  ARG X NH2 1 
HETATM 638 CL CL  . CL  B 2 .  ? -6.736  10.622  7.282   1.00 47.87  ? 89  CL  X CL  1 
HETATM 639 NA NA  . NA  C 3 .  ? 0.139   7.633   -6.613  1.00 47.04  ? 90  NA  X NA  1 
HETATM 640 O  O   . HOH D 4 .  ? -2.826  -9.884  -1.625  1.00 44.86  ? 91  HOH X O   1 
HETATM 641 O  O   . HOH D 4 .  ? -23.343 -3.638  -7.177  1.00 27.79  ? 92  HOH X O   1 
HETATM 642 O  O   . HOH D 4 .  ? -18.357 -6.100  -1.370  1.00 32.32  ? 93  HOH X O   1 
HETATM 643 O  O   . HOH D 4 .  ? -8.854  7.319   -19.633 1.00 44.16  ? 94  HOH X O   1 
HETATM 644 O  O   . HOH D 4 .  ? 3.122   -5.431  -8.608  1.00 34.83  ? 95  HOH X O   1 
HETATM 645 O  O   . HOH D 4 .  ? 5.502   8.669   -2.340  1.00 39.23  ? 96  HOH X O   1 
HETATM 646 O  O   . HOH D 4 .  ? -2.258  -3.820  -10.684 1.00 54.52  ? 97  HOH X O   1 
HETATM 647 O  O   . HOH D 4 .  ? -3.365  0.120   -12.493 1.00 44.48  ? 98  HOH X O   1 
HETATM 648 O  O   . HOH D 4 .  ? 10.302  6.592   12.057  1.00 45.34  ? 99  HOH X O   1 
HETATM 649 O  O   . HOH D 4 .  ? 14.268  -3.517  -0.884  1.00 55.72  ? 100 HOH X O   1 
HETATM 650 O  O   . HOH D 4 .  ? 6.427   15.767  2.343   1.00 63.59  ? 101 HOH X O   1 
HETATM 651 O  O   . HOH D 4 .  ? -4.058  -13.153 -2.852  1.00 67.47  ? 102 HOH X O   1 
HETATM 652 O  O   . HOH D 4 .  ? 1.451   0.222   -12.206 1.00 54.94  ? 103 HOH X O   1 
HETATM 653 O  O   . HOH D 4 .  ? 1.411   -13.518 0.063   1.00 71.52  ? 104 HOH X O   1 
HETATM 654 O  O   . HOH D 4 .  ? -20.696 1.667   -6.142  1.00 36.97  ? 105 HOH X O   1 
HETATM 655 O  O   . HOH D 4 .  ? 2.744   10.142  -3.393  1.00 38.32  ? 106 HOH X O   1 
HETATM 656 O  O   . HOH D 4 .  ? -19.907 -1.247  -5.115  1.00 60.34  ? 107 HOH X O   1 
HETATM 657 O  O   . HOH D 4 .  ? 3.001   -9.044  -5.437  1.00 59.43  ? 108 HOH X O   1 
HETATM 658 O  O   . HOH D 4 .  ? -7.870  -5.780  -9.616  1.00 47.76  ? 109 HOH X O   1 
HETATM 659 O  O   . HOH D 4 .  ? 6.254   11.000  -3.456  1.00 57.30  ? 110 HOH X O   1 
HETATM 660 O  O   . HOH D 4 .  ? 17.369  5.982   3.395   1.00 62.21  ? 111 HOH X O   1 
HETATM 661 O  O   . HOH D 4 .  ? 10.899  9.861   3.875   1.00 51.32  ? 112 HOH X O   1 
HETATM 662 O  O   . HOH D 4 .  ? 15.863  1.225   -1.298  1.00 60.82  ? 113 HOH X O   1 
HETATM 663 O  O   . HOH D 4 .  ? -16.998 -9.273  -10.564 1.00 42.82  ? 114 HOH X O   1 
HETATM 664 O  O   . HOH D 4 .  ? -6.041  -3.849  -10.515 1.00 54.10  ? 115 HOH X O   1 
HETATM 665 O  O   . HOH D 4 .  ? -23.177 -7.232  -5.777  1.00 52.85  ? 116 HOH X O   1 
HETATM 666 O  O   . HOH D 4 .  ? 6.633   12.443  2.789   1.00 47.74  ? 117 HOH X O   1 
HETATM 667 O  O   . HOH D 4 .  ? -18.759 -10.075 -4.900  1.00 52.54  ? 118 HOH X O   1 
HETATM 668 O  O   . HOH D 4 .  ? -20.500 4.920   -10.754 1.00 43.24  ? 119 HOH X O   1 
HETATM 669 O  O   . HOH D 4 .  ? -18.586 -3.721  -1.088  1.00 48.93  ? 120 HOH X O   1 
HETATM 670 O  O   . HOH D 4 .  ? -18.826 -2.660  1.344   0.50 38.00  ? 121 HOH X O   1 
HETATM 671 O  O   . HOH D 4 .  ? -4.240  -7.543  -10.522 1.00 59.49  ? 122 HOH X O   1 
HETATM 672 O  O   . HOH D 4 .  ? 13.372  -6.842  3.278   1.00 62.49  ? 123 HOH X O   1 
HETATM 673 O  O   . HOH D 4 .  ? -4.207  -8.404  -5.930  1.00 57.13  ? 124 HOH X O   1 
HETATM 674 O  O   . HOH D 4 .  ? -6.854  -13.712 -5.691  1.00 81.61  ? 125 HOH X O   1 
HETATM 675 O  O   . HOH D 4 .  ? -20.010 -0.097  0.639   1.00 63.36  ? 126 HOH X O   1 
HETATM 676 O  O   . HOH D 4 .  ? -22.813 -9.377  -7.296  1.00 49.97  ? 127 HOH X O   1 
HETATM 677 O  O   . HOH D 4 .  ? -5.300  -11.655 7.287   1.00 72.87  ? 128 HOH X O   1 
HETATM 678 O  O   . HOH D 4 .  ? -10.012 -8.232  -7.011  1.00 56.17  ? 129 HOH X O   1 
HETATM 679 O  O   . HOH D 4 .  ? 13.023  4.799   8.665   1.00 59.86  ? 130 HOH X O   1 
HETATM 680 O  O   . HOH D 4 .  ? 14.222  -4.719  2.670   1.00 60.84  ? 131 HOH X O   1 
HETATM 681 O  O   . HOH D 4 .  ? 19.491  5.801   0.664   1.00 89.74  ? 132 HOH X O   1 
HETATM 682 O  O   . HOH D 4 .  ? -6.201  -10.130 -6.410  1.00 60.46  ? 133 HOH X O   1 
HETATM 683 O  O   . HOH D 4 .  ? -6.862  -13.702 0.655   1.00 65.58  ? 134 HOH X O   1 
HETATM 684 O  O   . HOH D 4 .  ? -0.693  8.180   -3.978  0.50 59.16  ? 135 HOH X O   1 
HETATM 685 O  O   . HOH D 4 .  ? -9.582  -10.052 -5.080  1.00 66.72  ? 136 HOH X O   1 
# 
